data_8ACI
#
_entry.id   8ACI
#
_cell.length_a   71.590
_cell.length_b   88.760
_cell.length_c   144.780
_cell.angle_alpha   90.000
_cell.angle_beta   90.000
_cell.angle_gamma   90.000
#
_symmetry.space_group_name_H-M   'P 21 21 21'
#
loop_
_entity.id
_entity.type
_entity.pdbx_description
1 polymer 'Complement C2b fragment'
2 polymer 'ARGX-117 Fab heavy chain'
3 polymer 'nanobody specific for kappa light chain of Fab'
4 polymer 'ARGX-117 Fab light chain'
5 branched alpha-L-fucopyranose-(1-6)-2-acetamido-2-deoxy-beta-D-glucopyranose
6 non-polymer 'CALCIUM ION'
7 non-polymer 'CHLORIDE ION'
8 non-polymer (4S)-2-METHYL-2,4-PENTANEDIOL
9 water water
#
loop_
_entity_poly.entity_id
_entity_poly.type
_entity_poly.pdbx_seq_one_letter_code
_entity_poly.pdbx_strand_id
1 'polypeptide(L)'
;APSCPQNVNISGGTFTLSHGWAPGSLLTYSCPQGLYPSPASRLCKSSGQWQTPGATRSLSKAVCKPVRCPAPVSFENGIY
TPRLGSYPVGGNVSFECEDGFILRGSPVRQCRPNGMWDGETAVCDNGAGHCPNPGISLGAVRTGFRFGHGDKVRYRCSSN
LVLTGSSERECQGNGVWSGTEPICRQPYSYDFPEDVA
;
A
2 'polypeptide(L)'
;EVQLVQSGAEVKKPGASVKVSCKASGYTFTDYNMDWVRQATGQGLEWIGDINPNYESTGYNQKFKGRATMTVDKSISTAY
MELSSLRSEDTAVYYCAREDDHDAFAYWGQGTLVTVSSASTKGPSVFPLAPSSKSTSGGTAALGCLVKDYFPEPVTVSWN
SGALTSGVHTFPAVLQSSGLYSLSSVVTVPSSSLGTQTYICNVNHKPSNTKVDKKVEPK
;
H
3 'polypeptide(L)'
;QVQLQESGGGLVQPGGSLRLSCAASGRTISRYAMSWFRQAPGKEREFVAVARRSGDGAFYADSVQGRFTVSRDDAKNTVY
LQMNSLKPEDTAVYYCAIDSDTFYSGSYDYWGQGTQVTVSSEHHHHHH
;
K
4 'polypeptide(L)'
;DNVLTQSPDSLAVSLGERATISCRASKSVRTSGYNYMHWYQQKPGQPPKLLIYLASNLKSGVPDRFSGSGSGTDFTLTIS
SLQAEDAATYYCQHSRELPYTFGQGTKLEIKRTVAAPSVFIFPPSDEQLKSGTASVVCLLNNFYPREAKVQWKVDNALQS
GNSQESVTEQDSKDSTYSLSSTLTLSKADYEKHKVYACEVTHQGLSSPVTKSFNRGEC
;
L
#
loop_
_chem_comp.id
_chem_comp.type
_chem_comp.name
_chem_comp.formula
CA non-polymer 'CALCIUM ION' 'Ca 2'
CL non-polymer 'CHLORIDE ION' 'Cl -1'
FUC L-saccharide, alpha linking alpha-L-fucopyranose 'C6 H12 O5'
MPD non-polymer (4S)-2-METHYL-2,4-PENTANEDIOL 'C6 H14 O2'
NAG D-saccharide, beta linking 2-acetamido-2-deoxy-beta-D-glucopyranose 'C8 H15 N O6'
#
# COMPACT_ATOMS: atom_id res chain seq x y z
N CYS A 31 27.57 -33.99 15.19
CA CYS A 31 27.07 -32.64 15.49
C CYS A 31 26.61 -32.56 16.93
N PRO A 32 26.66 -31.35 17.55
CA PRO A 32 26.22 -31.25 18.94
C PRO A 32 24.72 -31.47 19.11
N GLN A 33 24.22 -31.25 20.33
CA GLN A 33 22.81 -31.47 20.62
C GLN A 33 21.96 -30.48 19.85
N GLY A 34 20.84 -30.97 19.32
CA GLY A 34 19.92 -30.13 18.58
C GLY A 34 20.29 -29.86 17.14
N LEU A 35 21.33 -30.51 16.62
CA LEU A 35 21.70 -30.44 15.22
C LEU A 35 21.93 -31.86 14.70
N TYR A 36 21.79 -32.03 13.39
CA TYR A 36 22.00 -33.31 12.72
C TYR A 36 22.94 -33.11 11.53
N PRO A 37 23.85 -34.05 11.26
CA PRO A 37 24.76 -33.85 10.12
C PRO A 37 24.08 -34.10 8.79
N SER A 38 24.39 -33.24 7.81
CA SER A 38 23.94 -33.49 6.45
C SER A 38 24.51 -34.80 5.90
N PRO A 39 25.81 -35.11 6.05
CA PRO A 39 26.27 -36.47 5.74
C PRO A 39 25.92 -37.44 6.84
N ALA A 40 26.40 -38.68 6.74
CA ALA A 40 26.17 -39.64 7.81
C ALA A 40 26.87 -39.22 9.10
N SER A 41 28.03 -38.57 8.97
CA SER A 41 28.84 -38.08 10.07
C SER A 41 28.25 -37.85 11.44
N VAL A 63 27.83 -30.14 6.71
CA VAL A 63 27.43 -29.05 7.62
C VAL A 63 26.40 -29.56 8.62
N CYS A 64 26.48 -29.04 9.85
CA CYS A 64 25.53 -29.38 10.91
C CYS A 64 24.30 -28.49 10.78
N LYS A 65 23.14 -29.09 10.46
CA LYS A 65 21.89 -28.39 10.22
C LYS A 65 20.99 -28.50 11.46
N PRO A 66 20.14 -27.53 11.75
CA PRO A 66 19.35 -27.61 12.98
C PRO A 66 18.25 -28.65 12.88
N VAL A 67 18.07 -29.40 13.97
CA VAL A 67 16.94 -30.29 14.08
C VAL A 67 15.65 -29.48 14.01
N ARG A 68 14.62 -30.07 13.41
CA ARG A 68 13.29 -29.47 13.33
C ARG A 68 12.26 -30.54 13.65
N CYS A 69 11.17 -30.16 14.42
CA CYS A 69 10.12 -31.14 14.67
C CYS A 69 9.06 -31.07 13.57
N PRO A 70 8.39 -32.19 13.27
CA PRO A 70 7.46 -32.19 12.13
C PRO A 70 6.21 -31.37 12.41
N ALA A 71 5.70 -30.74 11.36
CA ALA A 71 4.43 -30.01 11.45
C ALA A 71 3.28 -31.00 11.32
N PRO A 72 2.08 -30.61 11.74
CA PRO A 72 0.89 -31.44 11.42
C PRO A 72 0.64 -31.48 9.91
N VAL A 73 0.43 -32.70 9.38
CA VAL A 73 -0.04 -32.82 8.01
C VAL A 73 -1.41 -32.18 7.91
N SER A 74 -2.28 -32.45 8.88
CA SER A 74 -3.57 -31.79 9.03
C SER A 74 -3.92 -31.85 10.51
N PHE A 75 -4.94 -31.10 10.90
CA PHE A 75 -5.46 -31.15 12.27
C PHE A 75 -6.96 -30.95 12.15
N GLU A 76 -7.70 -32.05 12.20
CA GLU A 76 -9.12 -32.04 11.87
C GLU A 76 -9.92 -31.29 12.93
N ASN A 77 -10.82 -30.43 12.46
CA ASN A 77 -11.80 -29.76 13.33
C ASN A 77 -11.13 -28.87 14.36
N GLY A 78 -10.02 -28.27 13.98
CA GLY A 78 -9.34 -27.32 14.84
C GLY A 78 -8.24 -26.65 14.07
N ILE A 79 -7.47 -25.83 14.77
CA ILE A 79 -6.32 -25.14 14.18
C ILE A 79 -5.11 -25.36 15.08
N TYR A 80 -3.97 -24.86 14.63
CA TYR A 80 -2.76 -24.83 15.45
C TYR A 80 -1.99 -23.56 15.11
N THR A 81 -1.25 -23.08 16.11
CA THR A 81 -0.56 -21.78 16.09
C THR A 81 0.80 -21.92 16.76
N PRO A 82 1.89 -21.41 16.15
CA PRO A 82 2.04 -20.82 14.79
C PRO A 82 1.90 -21.94 13.77
N ARG A 83 1.55 -21.61 12.55
CA ARG A 83 1.37 -22.57 11.48
C ARG A 83 2.63 -22.52 10.65
N LEU A 84 3.53 -23.45 10.86
CA LEU A 84 4.81 -23.48 10.19
C LEU A 84 5.01 -24.81 9.46
N GLY A 85 5.93 -24.79 8.48
CA GLY A 85 6.27 -26.01 7.77
C GLY A 85 7.03 -27.01 8.62
N SER A 86 7.79 -26.52 9.60
CA SER A 86 8.50 -27.32 10.59
C SER A 86 8.84 -26.37 11.74
N TYR A 87 9.25 -26.95 12.87
CA TYR A 87 9.32 -26.18 14.11
C TYR A 87 10.69 -26.26 14.75
N PRO A 88 11.20 -25.16 15.30
CA PRO A 88 12.54 -25.19 15.89
C PRO A 88 12.52 -25.91 17.22
N VAL A 89 13.71 -26.40 17.60
CA VAL A 89 13.89 -26.94 18.95
C VAL A 89 13.54 -25.86 19.94
N GLY A 90 12.76 -26.21 20.96
CA GLY A 90 12.29 -25.25 21.92
C GLY A 90 11.02 -24.55 21.56
N GLY A 91 10.62 -24.61 20.28
CA GLY A 91 9.40 -23.97 19.86
C GLY A 91 8.18 -24.74 20.32
N ASN A 92 7.07 -24.02 20.41
CA ASN A 92 5.80 -24.56 20.88
C ASN A 92 4.75 -24.47 19.77
N VAL A 93 3.82 -25.43 19.79
CA VAL A 93 2.65 -25.41 18.91
C VAL A 93 1.45 -25.61 19.81
N SER A 94 0.43 -24.75 19.64
CA SER A 94 -0.77 -24.73 20.47
C SER A 94 -1.98 -25.10 19.62
N PHE A 95 -2.82 -25.98 20.15
CA PHE A 95 -3.96 -26.52 19.40
C PHE A 95 -5.24 -25.97 19.97
N GLU A 96 -6.19 -25.70 19.09
CA GLU A 96 -7.51 -25.21 19.45
C GLU A 96 -8.57 -25.93 18.63
N CYS A 97 -9.74 -26.18 19.23
CA CYS A 97 -10.81 -26.93 18.58
C CYS A 97 -11.96 -26.03 18.15
N GLU A 98 -12.63 -26.44 17.07
CA GLU A 98 -13.83 -25.76 16.63
C GLU A 98 -14.96 -25.97 17.64
N ASP A 99 -16.05 -25.25 17.40
CA ASP A 99 -17.22 -25.38 18.26
C ASP A 99 -17.76 -26.81 18.21
N GLY A 100 -18.16 -27.31 19.38
CA GLY A 100 -18.76 -28.62 19.48
C GLY A 100 -17.81 -29.77 19.67
N PHE A 101 -16.51 -29.50 19.79
CA PHE A 101 -15.50 -30.54 19.89
C PHE A 101 -14.77 -30.44 21.24
N ILE A 102 -14.25 -31.59 21.67
CA ILE A 102 -13.47 -31.71 22.90
C ILE A 102 -12.00 -31.80 22.51
N LEU A 103 -11.16 -30.98 23.14
CA LEU A 103 -9.71 -31.09 22.95
C LEU A 103 -9.18 -32.09 23.96
N ARG A 104 -8.67 -33.21 23.46
CA ARG A 104 -8.05 -34.25 24.29
C ARG A 104 -6.59 -34.30 23.86
N GLY A 105 -5.75 -34.80 24.76
CA GLY A 105 -4.32 -34.70 24.56
C GLY A 105 -3.78 -33.36 25.04
N SER A 106 -2.54 -33.07 24.65
CA SER A 106 -1.84 -31.89 25.14
C SER A 106 -2.17 -30.69 24.26
N PRO A 107 -2.77 -29.62 24.81
CA PRO A 107 -3.09 -28.48 23.94
C PRO A 107 -1.87 -27.69 23.52
N VAL A 108 -0.78 -27.72 24.30
CA VAL A 108 0.46 -27.07 23.94
C VAL A 108 1.57 -28.12 24.00
N ARG A 109 2.41 -28.19 22.96
CA ARG A 109 3.48 -29.18 22.87
C ARG A 109 4.76 -28.46 22.46
N GLN A 110 5.89 -28.92 23.00
CA GLN A 110 7.17 -28.30 22.77
C GLN A 110 8.06 -29.25 21.97
N CYS A 111 8.80 -28.71 21.03
CA CYS A 111 9.72 -29.46 20.20
C CYS A 111 11.04 -29.69 20.95
N ARG A 112 11.42 -30.94 21.12
CA ARG A 112 12.59 -31.31 21.91
C ARG A 112 13.82 -31.50 21.01
N PRO A 113 15.03 -31.51 21.59
CA PRO A 113 16.25 -31.50 20.75
C PRO A 113 16.46 -32.72 19.86
N ASN A 114 15.78 -33.84 20.10
CA ASN A 114 15.88 -34.99 19.21
C ASN A 114 14.81 -35.00 18.11
N GLY A 115 14.16 -33.86 17.88
CA GLY A 115 13.15 -33.77 16.83
C GLY A 115 11.80 -34.31 17.18
N MET A 116 11.54 -34.59 18.44
CA MET A 116 10.28 -35.17 18.87
C MET A 116 9.52 -34.17 19.74
N TRP A 117 8.19 -34.18 19.60
CA TRP A 117 7.32 -33.34 20.42
C TRP A 117 7.10 -34.00 21.77
N ASP A 118 7.01 -33.21 22.83
CA ASP A 118 6.65 -33.75 24.15
C ASP A 118 5.12 -33.78 24.27
N GLY A 119 4.63 -34.24 25.41
CA GLY A 119 3.20 -34.29 25.59
C GLY A 119 2.55 -35.40 24.78
N GLU A 120 1.22 -35.32 24.69
CA GLU A 120 0.40 -36.33 24.04
C GLU A 120 -0.28 -35.72 22.83
N THR A 121 -0.55 -36.57 21.83
CA THR A 121 -1.15 -36.11 20.58
C THR A 121 -2.49 -35.43 20.86
N ALA A 122 -2.63 -34.20 20.37
CA ALA A 122 -3.87 -33.45 20.49
C ALA A 122 -4.88 -33.93 19.47
N VAL A 123 -6.15 -33.93 19.87
CA VAL A 123 -7.23 -34.30 18.94
C VAL A 123 -8.46 -33.52 19.33
N CYS A 124 -9.21 -33.06 18.32
CA CYS A 124 -10.56 -32.50 18.50
C CYS A 124 -11.56 -33.60 18.21
N ASP A 125 -12.28 -34.01 19.24
CA ASP A 125 -13.17 -35.17 19.18
C ASP A 125 -14.57 -34.71 19.55
N ASN A 126 -15.52 -34.83 18.61
CA ASN A 126 -16.92 -34.52 18.93
C ASN A 126 -17.49 -35.55 19.89
N GLY A 127 -16.96 -36.77 19.87
CA GLY A 127 -17.35 -37.79 20.82
C GLY A 127 -18.41 -38.76 20.37
N ALA A 128 -18.89 -38.64 19.13
CA ALA A 128 -19.94 -39.52 18.62
C ALA A 128 -19.32 -40.73 17.95
N GLY A 129 -18.66 -41.54 18.78
CA GLY A 129 -18.05 -42.77 18.31
C GLY A 129 -17.91 -43.79 19.42
N HIS A 130 -17.87 -45.06 19.04
CA HIS A 130 -17.70 -46.12 20.03
C HIS A 130 -16.36 -46.01 20.74
N CYS A 131 -15.30 -45.72 19.98
CA CYS A 131 -13.97 -45.44 20.49
C CYS A 131 -13.67 -43.95 20.41
N PRO A 132 -12.69 -43.46 21.17
CA PRO A 132 -12.29 -42.05 21.00
C PRO A 132 -11.68 -41.83 19.62
N ASN A 133 -11.67 -40.56 19.21
CA ASN A 133 -10.90 -40.18 18.02
C ASN A 133 -9.44 -40.51 18.28
N PRO A 134 -8.81 -41.37 17.47
CA PRO A 134 -7.41 -41.72 17.78
C PRO A 134 -6.43 -40.63 17.44
N GLY A 135 -6.86 -39.58 16.75
CA GLY A 135 -5.98 -38.49 16.38
C GLY A 135 -4.99 -38.90 15.30
N ILE A 136 -4.12 -37.95 14.98
CA ILE A 136 -3.06 -38.13 13.98
C ILE A 136 -1.78 -37.63 14.61
N SER A 137 -0.85 -38.53 14.89
CA SER A 137 0.48 -38.15 15.37
C SER A 137 1.16 -37.21 14.38
N LEU A 138 1.87 -36.21 14.88
CA LEU A 138 2.45 -35.19 14.02
C LEU A 138 3.53 -35.81 13.13
N GLY A 139 3.36 -35.67 11.81
CA GLY A 139 4.16 -36.36 10.83
C GLY A 139 3.41 -37.46 10.10
N ALA A 140 2.28 -37.91 10.62
CA ALA A 140 1.57 -39.06 10.10
C ALA A 140 0.34 -38.64 9.27
N VAL A 141 -0.16 -39.62 8.50
CA VAL A 141 -1.42 -39.52 7.77
C VAL A 141 -2.28 -40.69 8.23
N ARG A 142 -3.59 -40.46 8.37
CA ARG A 142 -4.51 -41.48 8.85
C ARG A 142 -5.66 -41.63 7.86
N THR A 143 -5.92 -42.87 7.45
CA THR A 143 -7.05 -43.21 6.59
C THR A 143 -8.14 -43.87 7.45
N GLY A 144 -9.38 -43.41 7.26
CA GLY A 144 -10.47 -43.87 8.06
C GLY A 144 -11.09 -42.76 8.87
N PHE A 145 -12.39 -42.50 8.70
CA PHE A 145 -13.09 -41.43 9.39
C PHE A 145 -14.30 -41.96 10.15
N ARG A 146 -14.20 -43.18 10.67
CA ARG A 146 -15.26 -43.81 11.44
C ARG A 146 -14.63 -44.49 12.64
N PHE A 147 -15.31 -44.39 13.80
CA PHE A 147 -14.78 -44.90 15.06
C PHE A 147 -15.82 -45.76 15.79
N GLY A 148 -16.64 -46.49 15.03
CA GLY A 148 -17.54 -47.46 15.63
C GLY A 148 -16.86 -48.78 15.90
N HIS A 149 -17.60 -49.68 16.55
CA HIS A 149 -17.05 -50.99 16.90
C HIS A 149 -16.69 -51.75 15.64
N GLY A 150 -15.43 -52.19 15.55
CA GLY A 150 -14.93 -52.93 14.42
C GLY A 150 -14.20 -52.09 13.39
N ASP A 151 -14.48 -50.79 13.34
CA ASP A 151 -13.85 -49.93 12.35
C ASP A 151 -12.35 -49.82 12.61
N LYS A 152 -11.59 -49.66 11.53
CA LYS A 152 -10.14 -49.60 11.60
C LYS A 152 -9.63 -48.27 11.03
N VAL A 153 -8.38 -47.96 11.38
CA VAL A 153 -7.65 -46.82 10.84
C VAL A 153 -6.22 -47.26 10.61
N ARG A 154 -5.61 -46.78 9.52
CA ARG A 154 -4.25 -47.12 9.16
C ARG A 154 -3.42 -45.84 9.13
N TYR A 155 -2.15 -45.95 9.56
CA TYR A 155 -1.26 -44.82 9.63
C TYR A 155 -0.04 -45.02 8.74
N ARG A 156 0.56 -43.91 8.34
CA ARG A 156 1.75 -43.87 7.51
C ARG A 156 2.44 -42.53 7.77
N CYS A 157 3.76 -42.57 7.88
CA CYS A 157 4.56 -41.37 8.08
C CYS A 157 4.86 -40.74 6.74
N SER A 158 4.44 -39.49 6.57
CA SER A 158 4.72 -38.76 5.33
C SER A 158 6.16 -38.26 5.33
N SER A 159 6.55 -37.62 4.25
CA SER A 159 7.92 -37.08 4.09
C SER A 159 8.88 -38.26 4.18
N ASN A 160 10.03 -38.11 4.85
CA ASN A 160 10.98 -39.20 5.04
C ASN A 160 11.09 -39.61 6.52
N LEU A 161 10.00 -39.49 7.26
CA LEU A 161 9.98 -39.85 8.67
C LEU A 161 9.83 -41.37 8.84
N VAL A 162 10.33 -41.86 9.97
CA VAL A 162 10.38 -43.29 10.27
C VAL A 162 9.23 -43.62 11.22
N LEU A 163 8.38 -44.56 10.82
CA LEU A 163 7.23 -44.94 11.64
C LEU A 163 7.65 -45.93 12.71
N THR A 164 7.26 -45.65 13.96
CA THR A 164 7.44 -46.56 15.09
C THR A 164 6.09 -46.71 15.77
N GLY A 165 5.64 -47.95 15.93
CA GLY A 165 4.35 -48.25 16.53
C GLY A 165 3.44 -48.97 15.56
N SER A 166 2.17 -49.06 15.94
CA SER A 166 1.20 -49.87 15.18
C SER A 166 0.74 -49.11 13.95
N SER A 167 0.97 -49.70 12.77
CA SER A 167 0.51 -49.08 11.53
C SER A 167 -1.01 -49.18 11.38
N GLU A 168 -1.63 -50.20 11.99
CA GLU A 168 -3.07 -50.42 11.89
C GLU A 168 -3.63 -50.65 13.29
N ARG A 169 -4.83 -50.13 13.53
CA ARG A 169 -5.53 -50.29 14.79
C ARG A 169 -7.01 -50.50 14.51
N GLU A 170 -7.67 -51.25 15.39
CA GLU A 170 -9.10 -51.53 15.28
C GLU A 170 -9.81 -51.05 16.54
N CYS A 171 -11.00 -50.48 16.36
CA CYS A 171 -11.83 -50.03 17.47
C CYS A 171 -12.45 -51.26 18.14
N GLN A 172 -11.92 -51.64 19.30
CA GLN A 172 -12.39 -52.82 19.99
C GLN A 172 -13.76 -52.58 20.61
N GLY A 173 -14.34 -53.64 21.15
CA GLY A 173 -15.70 -53.56 21.68
C GLY A 173 -15.82 -52.72 22.93
N ASN A 174 -14.75 -52.66 23.74
CA ASN A 174 -14.79 -51.96 25.02
C ASN A 174 -14.46 -50.46 24.87
N GLY A 175 -14.54 -49.92 23.66
CA GLY A 175 -14.25 -48.52 23.43
C GLY A 175 -12.78 -48.15 23.43
N VAL A 176 -11.93 -49.01 22.85
CA VAL A 176 -10.48 -48.84 22.86
C VAL A 176 -9.96 -49.19 21.48
N TRP A 177 -8.84 -48.59 21.11
CA TRP A 177 -8.13 -48.91 19.88
C TRP A 177 -7.07 -49.98 20.11
N SER A 178 -6.90 -50.82 19.09
CA SER A 178 -5.95 -51.92 19.18
C SER A 178 -4.52 -51.43 19.12
N GLY A 179 -3.62 -52.20 19.71
CA GLY A 179 -2.21 -51.89 19.62
C GLY A 179 -1.86 -50.57 20.30
N THR A 180 -0.83 -49.93 19.77
CA THR A 180 -0.28 -48.68 20.30
C THR A 180 -0.48 -47.56 19.27
N GLU A 181 0.04 -46.36 19.60
CA GLU A 181 -0.04 -45.18 18.73
C GLU A 181 1.24 -45.05 17.92
N PRO A 182 1.18 -44.86 16.60
CA PRO A 182 2.44 -44.68 15.86
C PRO A 182 3.03 -43.32 16.10
N ILE A 183 4.36 -43.25 16.04
CA ILE A 183 5.11 -42.02 16.29
C ILE A 183 6.16 -41.89 15.19
N CYS A 184 6.11 -40.77 14.46
CA CYS A 184 6.98 -40.54 13.32
C CYS A 184 8.28 -39.91 13.78
N ARG A 185 9.36 -40.68 13.74
CA ARG A 185 10.69 -40.19 14.10
C ARG A 185 11.37 -39.56 12.87
N GLN A 186 12.22 -38.57 13.12
CA GLN A 186 13.08 -38.06 12.05
C GLN A 186 14.02 -39.18 11.61
N PRO A 187 14.48 -39.16 10.35
CA PRO A 187 15.47 -40.19 9.95
C PRO A 187 16.73 -40.16 10.81
N TYR A 188 17.30 -38.98 11.02
CA TYR A 188 18.38 -38.84 11.98
C TYR A 188 17.84 -39.07 13.40
N SER A 189 18.76 -39.39 14.31
CA SER A 189 18.45 -39.70 15.69
C SER A 189 17.37 -40.76 15.84
N GLU B 1 20.81 -13.78 1.65
CA GLU B 1 21.27 -15.13 1.21
C GLU B 1 20.08 -16.04 0.88
N VAL B 2 18.97 -15.93 1.62
CA VAL B 2 17.72 -16.50 1.12
C VAL B 2 17.27 -15.67 -0.07
N GLN B 3 16.85 -16.36 -1.13
CA GLN B 3 16.30 -15.68 -2.30
C GLN B 3 15.12 -16.45 -2.84
N LEU B 4 14.06 -15.74 -3.17
CA LEU B 4 12.88 -16.28 -3.83
C LEU B 4 12.76 -15.58 -5.17
N VAL B 5 12.86 -16.34 -6.26
CA VAL B 5 12.85 -15.78 -7.61
C VAL B 5 11.62 -16.32 -8.35
N GLN B 6 10.79 -15.41 -8.85
CA GLN B 6 9.52 -15.77 -9.45
C GLN B 6 9.63 -15.71 -10.97
N SER B 7 8.68 -16.39 -11.63
CA SER B 7 8.56 -16.32 -13.08
C SER B 7 8.07 -14.94 -13.51
N GLY B 8 8.09 -14.69 -14.83
CA GLY B 8 7.85 -13.35 -15.36
C GLY B 8 6.37 -13.04 -15.53
N ALA B 9 6.13 -11.84 -16.04
CA ALA B 9 4.78 -11.30 -16.17
C ALA B 9 3.95 -12.14 -17.12
N GLU B 10 2.63 -12.16 -16.89
CA GLU B 10 1.68 -12.92 -17.68
C GLU B 10 0.53 -12.01 -18.11
N VAL B 11 -0.05 -12.34 -19.26
CA VAL B 11 -1.24 -11.66 -19.75
C VAL B 11 -2.24 -12.73 -20.16
N LYS B 12 -3.48 -12.60 -19.68
CA LYS B 12 -4.46 -13.67 -19.80
C LYS B 12 -5.81 -13.10 -20.17
N LYS B 13 -6.60 -13.87 -20.92
CA LYS B 13 -7.99 -13.55 -21.19
C LYS B 13 -8.86 -14.05 -20.05
N PRO B 14 -10.05 -13.48 -19.85
CA PRO B 14 -10.94 -14.02 -18.81
C PRO B 14 -11.29 -15.46 -19.09
N GLY B 15 -11.34 -16.25 -18.04
CA GLY B 15 -11.60 -17.68 -18.13
C GLY B 15 -10.37 -18.55 -18.21
N ALA B 16 -9.22 -17.98 -18.56
CA ALA B 16 -8.00 -18.75 -18.70
C ALA B 16 -7.44 -19.09 -17.33
N SER B 17 -6.28 -19.76 -17.32
CA SER B 17 -5.55 -20.10 -16.11
C SER B 17 -4.14 -19.56 -16.23
N VAL B 18 -3.50 -19.34 -15.08
CA VAL B 18 -2.11 -18.90 -15.01
C VAL B 18 -1.41 -19.72 -13.95
N LYS B 19 -0.15 -20.04 -14.17
CA LYS B 19 0.68 -20.77 -13.22
C LYS B 19 1.97 -20.00 -12.99
N VAL B 20 2.17 -19.52 -11.78
CA VAL B 20 3.33 -18.72 -11.39
C VAL B 20 4.25 -19.64 -10.59
N SER B 21 5.56 -19.49 -10.80
CA SER B 21 6.55 -20.31 -10.14
C SER B 21 7.38 -19.46 -9.18
N CYS B 22 8.01 -20.12 -8.20
CA CYS B 22 8.79 -19.44 -7.17
C CYS B 22 9.96 -20.35 -6.78
N LYS B 23 11.15 -20.01 -7.28
CA LYS B 23 12.32 -20.82 -6.98
C LYS B 23 12.99 -20.33 -5.70
N ALA B 24 13.19 -21.22 -4.75
CA ALA B 24 13.77 -20.88 -3.46
C ALA B 24 15.22 -21.36 -3.39
N SER B 25 16.06 -20.58 -2.73
CA SER B 25 17.46 -20.97 -2.51
C SER B 25 17.94 -20.29 -1.23
N GLY B 26 19.06 -20.80 -0.71
CA GLY B 26 19.68 -20.22 0.46
C GLY B 26 19.23 -20.78 1.79
N TYR B 27 18.35 -21.78 1.79
CA TYR B 27 17.92 -22.43 3.02
C TYR B 27 17.44 -23.82 2.65
N THR B 28 17.16 -24.63 3.66
CA THR B 28 16.61 -25.97 3.44
C THR B 28 15.13 -25.84 3.08
N PHE B 29 14.80 -26.19 1.84
CA PHE B 29 13.47 -25.88 1.28
C PHE B 29 12.34 -26.49 2.13
N THR B 30 12.57 -27.66 2.71
CA THR B 30 11.53 -28.34 3.48
C THR B 30 11.43 -27.87 4.92
N ASP B 31 12.24 -26.91 5.36
CA ASP B 31 12.06 -26.39 6.71
C ASP B 31 10.80 -25.54 6.84
N TYR B 32 10.27 -24.99 5.72
CA TYR B 32 9.23 -23.98 5.82
C TYR B 32 8.15 -24.19 4.76
N ASN B 33 6.93 -23.73 5.11
CA ASN B 33 5.88 -23.60 4.12
C ASN B 33 6.31 -22.55 3.08
N MET B 34 5.68 -22.60 1.91
CA MET B 34 5.68 -21.48 0.98
C MET B 34 4.26 -20.94 0.93
N ASP B 35 4.12 -19.61 1.05
CA ASP B 35 2.84 -18.92 1.03
C ASP B 35 2.76 -18.09 -0.24
N TRP B 36 1.55 -17.74 -0.61
CA TRP B 36 1.30 -16.85 -1.74
C TRP B 36 0.38 -15.73 -1.29
N VAL B 37 0.68 -14.52 -1.77
CA VAL B 37 -0.01 -13.29 -1.43
C VAL B 37 -0.12 -12.47 -2.71
N ARG B 38 -1.22 -11.75 -2.90
CA ARG B 38 -1.33 -10.88 -4.06
C ARG B 38 -1.71 -9.48 -3.62
N GLN B 39 -1.52 -8.54 -4.56
CA GLN B 39 -1.79 -7.14 -4.29
C GLN B 39 -2.29 -6.52 -5.58
N ALA B 40 -3.54 -6.09 -5.60
CA ALA B 40 -4.01 -5.33 -6.75
C ALA B 40 -3.39 -3.94 -6.70
N THR B 41 -3.04 -3.41 -7.86
CA THR B 41 -2.20 -2.21 -7.93
C THR B 41 -2.86 -1.02 -7.26
N GLY B 42 -2.20 -0.48 -6.24
CA GLY B 42 -2.74 0.57 -5.40
C GLY B 42 -3.51 0.10 -4.19
N GLN B 43 -3.85 -1.19 -4.11
CA GLN B 43 -4.69 -1.75 -3.08
C GLN B 43 -3.85 -2.54 -2.07
N GLY B 44 -4.53 -3.26 -1.18
CA GLY B 44 -3.87 -3.96 -0.09
C GLY B 44 -3.48 -5.39 -0.45
N LEU B 45 -2.98 -6.09 0.56
CA LEU B 45 -2.43 -7.43 0.39
C LEU B 45 -3.43 -8.47 0.83
N GLU B 46 -3.52 -9.57 0.07
CA GLU B 46 -4.50 -10.62 0.27
C GLU B 46 -3.78 -11.98 0.22
N TRP B 47 -3.87 -12.73 1.31
CA TRP B 47 -3.27 -14.04 1.36
C TRP B 47 -4.11 -15.04 0.57
N ILE B 48 -3.43 -15.88 -0.20
CA ILE B 48 -4.08 -16.85 -1.08
C ILE B 48 -4.08 -18.25 -0.48
N GLY B 49 -2.91 -18.71 -0.03
CA GLY B 49 -2.80 -20.03 0.56
C GLY B 49 -1.35 -20.38 0.79
N ASP B 50 -1.14 -21.61 1.29
CA ASP B 50 0.21 -22.08 1.56
C ASP B 50 0.31 -23.56 1.22
N ILE B 51 1.54 -24.05 1.17
CA ILE B 51 1.83 -25.47 0.94
C ILE B 51 3.03 -25.84 1.80
N ASN B 52 2.95 -27.02 2.43
CA ASN B 52 4.06 -27.59 3.18
C ASN B 52 4.84 -28.52 2.25
N PRO B 53 6.10 -28.21 1.90
CA PRO B 53 6.80 -29.10 0.96
C PRO B 53 7.03 -30.49 1.49
N ASN B 54 7.05 -30.68 2.81
CA ASN B 54 7.26 -32.02 3.36
C ASN B 54 6.16 -32.98 2.93
N TYR B 55 4.93 -32.48 2.93
CA TYR B 55 3.74 -33.28 2.72
C TYR B 55 2.99 -32.98 1.43
N GLU B 56 3.24 -31.84 0.79
CA GLU B 56 2.42 -31.30 -0.29
C GLU B 56 0.98 -31.08 0.18
N SER B 57 0.82 -30.84 1.49
CA SER B 57 -0.47 -30.46 2.05
C SER B 57 -0.63 -28.94 1.93
N THR B 58 -1.88 -28.50 1.87
CA THR B 58 -2.15 -27.11 1.50
C THR B 58 -3.23 -26.50 2.38
N GLY B 59 -3.19 -25.18 2.48
CA GLY B 59 -4.29 -24.42 3.01
C GLY B 59 -4.60 -23.27 2.08
N TYR B 60 -5.90 -22.94 1.99
CA TYR B 60 -6.31 -21.86 1.09
C TYR B 60 -7.25 -20.90 1.80
N ASN B 61 -7.20 -19.65 1.34
CA ASN B 61 -8.23 -18.68 1.65
C ASN B 61 -9.52 -19.09 0.96
N GLN B 62 -10.62 -19.17 1.72
CA GLN B 62 -11.89 -19.63 1.17
C GLN B 62 -12.39 -18.73 0.05
N LYS B 63 -12.02 -17.45 0.08
CA LYS B 63 -12.52 -16.48 -0.89
C LYS B 63 -12.18 -16.84 -2.33
N PHE B 64 -11.15 -17.65 -2.55
CA PHE B 64 -10.77 -18.03 -3.91
C PHE B 64 -11.56 -19.22 -4.45
N LYS B 65 -12.39 -19.85 -3.63
CA LYS B 65 -13.40 -20.81 -4.08
C LYS B 65 -12.79 -22.00 -4.83
N GLY B 66 -11.68 -22.50 -4.30
CA GLY B 66 -10.98 -23.60 -4.96
C GLY B 66 -10.34 -23.29 -6.29
N ARG B 67 -10.37 -22.04 -6.74
CA ARG B 67 -9.75 -21.69 -8.01
C ARG B 67 -8.22 -21.74 -7.95
N ALA B 68 -7.63 -21.65 -6.76
CA ALA B 68 -6.18 -21.68 -6.58
C ALA B 68 -5.72 -23.07 -6.22
N THR B 69 -4.62 -23.49 -6.84
CA THR B 69 -4.00 -24.79 -6.62
C THR B 69 -2.50 -24.57 -6.46
N MET B 70 -1.95 -25.00 -5.33
CA MET B 70 -0.53 -24.88 -5.04
C MET B 70 0.13 -26.25 -5.08
N THR B 71 1.32 -26.29 -5.68
CA THR B 71 2.11 -27.51 -5.76
C THR B 71 3.57 -27.16 -5.49
N VAL B 72 4.42 -28.20 -5.36
CA VAL B 72 5.85 -27.98 -5.20
C VAL B 72 6.57 -29.03 -6.03
N ASP B 73 7.83 -28.73 -6.36
CA ASP B 73 8.79 -29.70 -6.93
C ASP B 73 10.03 -29.58 -6.04
N LYS B 74 10.17 -30.50 -5.07
CA LYS B 74 11.26 -30.43 -4.11
C LYS B 74 12.62 -30.60 -4.77
N SER B 75 12.69 -31.34 -5.87
CA SER B 75 13.97 -31.58 -6.51
C SER B 75 14.62 -30.32 -7.03
N ILE B 76 13.84 -29.28 -7.33
CA ILE B 76 14.35 -28.00 -7.81
C ILE B 76 13.99 -26.85 -6.86
N SER B 77 13.49 -27.16 -5.67
CA SER B 77 13.19 -26.16 -4.65
C SER B 77 12.24 -25.10 -5.18
N THR B 78 11.21 -25.52 -5.91
CA THR B 78 10.28 -24.61 -6.55
C THR B 78 8.85 -24.88 -6.10
N ALA B 79 8.13 -23.80 -5.82
CA ALA B 79 6.71 -23.81 -5.51
C ALA B 79 5.96 -23.20 -6.68
N TYR B 80 4.75 -23.68 -6.91
CA TYR B 80 3.89 -23.16 -7.97
C TYR B 80 2.51 -22.79 -7.42
N MET B 81 1.92 -21.75 -8.01
CA MET B 81 0.55 -21.35 -7.73
C MET B 81 -0.17 -21.29 -9.06
N GLU B 82 -1.24 -22.07 -9.21
CA GLU B 82 -2.09 -22.05 -10.39
C GLU B 82 -3.45 -21.47 -10.00
N LEU B 83 -3.86 -20.41 -10.69
CA LEU B 83 -5.16 -19.78 -10.46
C LEU B 83 -5.96 -19.89 -11.76
N SER B 84 -7.11 -20.56 -11.68
CA SER B 84 -7.93 -20.88 -12.84
C SER B 84 -9.17 -20.00 -12.86
N SER B 85 -9.88 -20.05 -14.00
CA SER B 85 -11.11 -19.29 -14.21
C SER B 85 -10.88 -17.81 -13.91
N LEU B 86 -9.87 -17.24 -14.57
CA LEU B 86 -9.43 -15.89 -14.23
C LEU B 86 -10.46 -14.84 -14.61
N ARG B 87 -10.59 -13.83 -13.77
CA ARG B 87 -11.44 -12.68 -14.00
C ARG B 87 -10.56 -11.43 -13.99
N SER B 88 -11.11 -10.32 -14.49
CA SER B 88 -10.37 -9.06 -14.51
C SER B 88 -9.98 -8.63 -13.11
N GLU B 89 -10.80 -8.95 -12.10
CA GLU B 89 -10.43 -8.59 -10.74
C GLU B 89 -9.24 -9.38 -10.20
N ASP B 90 -8.80 -10.43 -10.90
CA ASP B 90 -7.57 -11.12 -10.53
C ASP B 90 -6.31 -10.43 -11.05
N THR B 91 -6.45 -9.31 -11.77
CA THR B 91 -5.29 -8.52 -12.16
C THR B 91 -4.59 -8.01 -10.90
N ALA B 92 -3.32 -8.36 -10.76
CA ALA B 92 -2.60 -8.10 -9.51
C ALA B 92 -1.14 -8.46 -9.68
N VAL B 93 -0.34 -8.06 -8.69
CA VAL B 93 1.01 -8.58 -8.53
C VAL B 93 0.87 -9.74 -7.55
N TYR B 94 1.41 -10.90 -7.93
CA TYR B 94 1.40 -12.09 -7.09
C TYR B 94 2.79 -12.32 -6.50
N TYR B 95 2.85 -12.57 -5.18
CA TYR B 95 4.10 -12.81 -4.48
C TYR B 95 4.09 -14.21 -3.89
N CYS B 96 5.24 -14.87 -3.94
CA CYS B 96 5.51 -15.95 -3.00
C CYS B 96 6.21 -15.33 -1.80
N ALA B 97 5.92 -15.85 -0.63
CA ALA B 97 6.45 -15.29 0.61
C ALA B 97 6.68 -16.45 1.58
N ARG B 98 7.77 -16.37 2.33
CA ARG B 98 8.19 -17.47 3.18
C ARG B 98 8.25 -17.02 4.64
N GLU B 99 7.62 -17.80 5.52
CA GLU B 99 7.57 -17.52 6.95
C GLU B 99 8.96 -17.63 7.59
N ASP B 100 9.10 -17.03 8.77
CA ASP B 100 10.17 -17.35 9.71
C ASP B 100 9.52 -18.10 10.88
N ASP B 101 10.30 -18.36 11.93
CA ASP B 101 9.81 -19.14 13.07
C ASP B 101 8.81 -18.36 13.92
N HIS B 102 8.61 -17.08 13.65
CA HIS B 102 7.56 -16.29 14.27
C HIS B 102 6.29 -16.21 13.43
N ASP B 103 6.24 -16.97 12.32
CA ASP B 103 5.12 -16.96 11.37
C ASP B 103 4.89 -15.58 10.77
N ALA B 104 5.96 -14.77 10.66
CA ALA B 104 5.95 -13.53 9.88
C ALA B 104 6.60 -13.78 8.52
N PHE B 105 6.17 -13.06 7.50
CA PHE B 105 6.73 -13.22 6.15
C PHE B 105 8.07 -12.51 6.07
N ALA B 106 9.12 -13.24 6.40
CA ALA B 106 10.46 -12.65 6.43
C ALA B 106 11.06 -12.49 5.05
N TYR B 107 10.64 -13.31 4.08
CA TYR B 107 11.24 -13.32 2.75
C TYR B 107 10.17 -13.34 1.69
N TRP B 108 10.39 -12.52 0.64
CA TRP B 108 9.39 -12.27 -0.38
C TRP B 108 10.03 -12.43 -1.75
N GLY B 109 9.32 -13.03 -2.70
CA GLY B 109 9.73 -12.96 -4.10
C GLY B 109 9.59 -11.53 -4.63
N GLN B 110 10.10 -11.31 -5.85
CA GLN B 110 10.07 -9.95 -6.40
C GLN B 110 8.68 -9.55 -6.85
N GLY B 111 7.79 -10.53 -7.03
CA GLY B 111 6.46 -10.23 -7.57
C GLY B 111 6.33 -10.64 -9.03
N THR B 112 5.12 -11.03 -9.42
CA THR B 112 4.76 -11.39 -10.79
C THR B 112 3.49 -10.65 -11.16
N LEU B 113 3.54 -9.79 -12.17
CA LEU B 113 2.34 -9.12 -12.63
C LEU B 113 1.53 -10.07 -13.50
N VAL B 114 0.27 -10.26 -13.16
CA VAL B 114 -0.69 -11.00 -13.98
C VAL B 114 -1.78 -10.01 -14.35
N THR B 115 -1.96 -9.78 -15.64
CA THR B 115 -3.01 -8.91 -16.15
C THR B 115 -4.07 -9.78 -16.81
N VAL B 116 -5.30 -9.65 -16.34
CA VAL B 116 -6.45 -10.40 -16.87
C VAL B 116 -7.39 -9.40 -17.56
N SER B 117 -7.57 -9.57 -18.86
CA SER B 117 -8.38 -8.61 -19.59
C SER B 117 -8.73 -9.17 -20.97
N SER B 118 -9.89 -8.76 -21.48
CA SER B 118 -10.27 -9.11 -22.84
C SER B 118 -9.42 -8.38 -23.87
N ALA B 119 -8.72 -7.32 -23.48
CA ALA B 119 -7.84 -6.64 -24.42
C ALA B 119 -6.73 -7.57 -24.91
N SER B 120 -6.18 -7.23 -26.08
CA SER B 120 -5.03 -7.94 -26.63
C SER B 120 -3.79 -7.04 -26.60
N THR B 121 -2.61 -7.65 -26.60
CA THR B 121 -1.35 -6.92 -26.52
C THR B 121 -1.21 -5.99 -27.70
N LYS B 122 -0.85 -4.74 -27.40
CA LYS B 122 -0.82 -3.65 -28.35
C LYS B 122 0.19 -2.60 -27.89
N GLY B 123 1.03 -2.13 -28.81
CA GLY B 123 2.02 -1.13 -28.50
C GLY B 123 1.41 0.28 -28.55
N PRO B 124 2.07 1.27 -27.95
CA PRO B 124 1.46 2.60 -27.83
C PRO B 124 1.61 3.46 -29.08
N SER B 125 0.69 4.40 -29.20
CA SER B 125 0.87 5.59 -30.02
C SER B 125 1.46 6.67 -29.12
N VAL B 126 2.42 7.42 -29.65
CA VAL B 126 3.14 8.42 -28.86
C VAL B 126 2.97 9.77 -29.56
N PHE B 127 2.43 10.74 -28.83
CA PHE B 127 2.13 12.06 -29.34
C PHE B 127 2.87 13.11 -28.53
N PRO B 128 3.32 14.20 -29.16
CA PRO B 128 4.04 15.22 -28.39
C PRO B 128 3.10 16.10 -27.59
N LEU B 129 3.59 16.57 -26.44
CA LEU B 129 2.98 17.63 -25.63
C LEU B 129 3.91 18.82 -25.83
N ALA B 130 3.63 19.65 -26.83
CA ALA B 130 4.58 20.65 -27.29
C ALA B 130 4.71 21.78 -26.28
N PRO B 131 5.91 22.30 -26.05
CA PRO B 131 6.01 23.50 -25.20
C PRO B 131 5.43 24.70 -25.92
N SER B 132 4.91 25.64 -25.14
CA SER B 132 4.34 26.86 -25.69
C SER B 132 4.26 27.90 -24.58
N SER B 133 3.67 29.06 -24.93
CA SER B 133 3.41 30.08 -23.91
C SER B 133 2.47 29.58 -22.83
N LYS B 134 1.65 28.56 -23.12
CA LYS B 134 0.73 27.98 -22.15
C LYS B 134 1.38 26.94 -21.26
N SER B 135 2.65 26.59 -21.49
CA SER B 135 3.38 25.70 -20.60
C SER B 135 4.65 26.35 -20.06
N THR B 136 4.71 27.68 -20.05
CA THR B 136 5.88 28.43 -19.64
C THR B 136 5.61 29.16 -18.32
N SER B 137 6.61 29.19 -17.46
CA SER B 137 6.57 29.96 -16.22
C SER B 137 7.98 30.38 -15.86
N GLY B 138 8.20 31.67 -15.66
CA GLY B 138 9.56 32.14 -15.47
C GLY B 138 10.36 31.89 -16.73
N GLY B 139 11.57 31.37 -16.55
CA GLY B 139 12.41 31.04 -17.68
C GLY B 139 12.35 29.58 -18.07
N THR B 140 11.34 28.87 -17.61
CA THR B 140 11.23 27.43 -17.82
C THR B 140 9.98 27.09 -18.63
N ALA B 141 10.05 25.99 -19.38
CA ALA B 141 8.94 25.49 -20.16
C ALA B 141 8.77 23.99 -19.94
N ALA B 142 7.50 23.55 -19.86
CA ALA B 142 7.19 22.14 -19.75
C ALA B 142 6.86 21.59 -21.13
N LEU B 143 7.30 20.37 -21.38
CA LEU B 143 7.01 19.64 -22.61
C LEU B 143 6.88 18.17 -22.22
N GLY B 144 6.33 17.37 -23.10
CA GLY B 144 6.13 15.99 -22.71
C GLY B 144 5.77 15.09 -23.88
N CYS B 145 5.44 13.85 -23.56
CA CYS B 145 4.91 12.86 -24.48
C CYS B 145 3.67 12.24 -23.86
N LEU B 146 2.64 12.06 -24.67
CA LEU B 146 1.44 11.32 -24.32
C LEU B 146 1.60 9.93 -24.92
N VAL B 147 1.58 8.91 -24.06
CA VAL B 147 1.80 7.52 -24.43
C VAL B 147 0.46 6.83 -24.29
N LYS B 148 -0.23 6.64 -25.40
CA LYS B 148 -1.65 6.31 -25.39
C LYS B 148 -1.92 4.95 -26.01
N ASP B 149 -2.89 4.24 -25.45
CA ASP B 149 -3.54 3.09 -26.07
C ASP B 149 -2.56 1.93 -26.21
N TYR B 150 -2.02 1.50 -25.07
CA TYR B 150 -1.19 0.31 -25.05
C TYR B 150 -1.76 -0.72 -24.08
N PHE B 151 -1.35 -1.99 -24.23
CA PHE B 151 -1.78 -3.04 -23.32
C PHE B 151 -0.78 -4.19 -23.42
N PRO B 152 -0.38 -4.81 -22.30
CA PRO B 152 -0.66 -4.52 -20.89
C PRO B 152 0.33 -3.50 -20.38
N GLU B 153 0.26 -3.15 -19.11
CA GLU B 153 1.41 -2.51 -18.46
C GLU B 153 2.62 -3.45 -18.48
N PRO B 154 3.85 -2.92 -18.33
CA PRO B 154 4.25 -1.52 -18.19
C PRO B 154 4.87 -0.93 -19.44
N VAL B 155 5.02 0.40 -19.47
CA VAL B 155 5.87 1.06 -20.45
C VAL B 155 6.96 1.77 -19.66
N THR B 156 8.11 1.96 -20.29
CA THR B 156 9.20 2.77 -19.75
C THR B 156 9.38 3.97 -20.67
N VAL B 157 9.52 5.15 -20.08
CA VAL B 157 9.76 6.37 -20.82
C VAL B 157 11.09 6.96 -20.35
N SER B 158 11.96 7.26 -21.29
CA SER B 158 13.21 7.98 -21.06
C SER B 158 13.19 9.24 -21.91
N TRP B 159 14.07 10.17 -21.58
CA TRP B 159 14.23 11.42 -22.34
C TRP B 159 15.68 11.55 -22.81
N ASN B 160 15.85 11.78 -24.10
CA ASN B 160 17.17 11.93 -24.71
C ASN B 160 18.05 10.71 -24.39
N SER B 161 17.46 9.53 -24.57
CA SER B 161 18.12 8.24 -24.35
C SER B 161 18.71 8.15 -22.95
N GLY B 162 18.01 8.72 -21.98
CA GLY B 162 18.43 8.74 -20.60
C GLY B 162 19.35 9.88 -20.22
N ALA B 163 19.73 10.73 -21.18
CA ALA B 163 20.61 11.85 -20.87
C ALA B 163 19.90 13.00 -20.14
N LEU B 164 18.58 12.92 -19.97
CA LEU B 164 17.79 13.95 -19.29
C LEU B 164 16.95 13.27 -18.22
N THR B 165 17.20 13.65 -16.96
CA THR B 165 16.53 13.00 -15.83
C THR B 165 15.95 14.00 -14.83
N SER B 166 16.63 15.13 -14.65
CA SER B 166 16.17 16.12 -13.69
C SER B 166 14.90 16.80 -14.20
N GLY B 167 13.92 16.94 -13.33
CA GLY B 167 12.68 17.59 -13.68
C GLY B 167 11.68 16.74 -14.43
N VAL B 168 11.94 15.46 -14.58
CA VAL B 168 11.01 14.56 -15.29
C VAL B 168 9.95 14.08 -14.31
N HIS B 169 8.69 14.10 -14.75
CA HIS B 169 7.59 13.49 -14.02
C HIS B 169 6.92 12.54 -15.02
N THR B 170 6.97 11.25 -14.74
CA THR B 170 6.24 10.25 -15.52
C THR B 170 5.09 9.77 -14.65
N PHE B 171 3.86 10.00 -15.12
CA PHE B 171 2.69 9.73 -14.30
C PHE B 171 2.29 8.26 -14.35
N PRO B 172 1.61 7.75 -13.30
CA PRO B 172 1.05 6.42 -13.39
C PRO B 172 0.09 6.33 -14.56
N ALA B 173 0.03 5.16 -15.16
CA ALA B 173 -0.94 4.92 -16.21
C ALA B 173 -2.35 4.94 -15.64
N VAL B 174 -3.30 5.29 -16.49
CA VAL B 174 -4.72 5.17 -16.22
C VAL B 174 -5.25 4.13 -17.20
N LEU B 175 -6.17 3.32 -16.73
CA LEU B 175 -6.88 2.38 -17.60
C LEU B 175 -8.12 3.06 -18.19
N GLN B 176 -8.18 3.13 -19.52
CA GLN B 176 -9.28 3.79 -20.21
C GLN B 176 -10.45 2.82 -20.36
N SER B 177 -11.60 3.38 -20.73
CA SER B 177 -12.80 2.56 -20.91
C SER B 177 -12.63 1.56 -22.05
N SER B 178 -11.72 1.83 -23.00
CA SER B 178 -11.40 0.88 -24.04
C SER B 178 -10.67 -0.36 -23.52
N GLY B 179 -10.16 -0.33 -22.30
CA GLY B 179 -9.37 -1.41 -21.78
C GLY B 179 -7.90 -1.28 -22.08
N LEU B 180 -7.49 -0.19 -22.74
CA LEU B 180 -6.10 0.13 -23.02
C LEU B 180 -5.61 1.21 -22.05
N TYR B 181 -4.31 1.19 -21.78
CA TYR B 181 -3.70 2.12 -20.85
C TYR B 181 -3.21 3.38 -21.55
N SER B 182 -3.04 4.45 -20.75
CA SER B 182 -2.50 5.70 -21.26
C SER B 182 -1.71 6.36 -20.13
N LEU B 183 -0.58 6.97 -20.46
CA LEU B 183 0.12 7.80 -19.49
C LEU B 183 0.84 8.94 -20.22
N SER B 184 1.27 9.94 -19.44
CA SER B 184 2.07 11.05 -19.93
C SER B 184 3.36 11.14 -19.14
N SER B 185 4.40 11.63 -19.81
CA SER B 185 5.67 11.95 -19.19
C SER B 185 5.98 13.38 -19.58
N VAL B 186 6.34 14.20 -18.59
CA VAL B 186 6.61 15.62 -18.81
C VAL B 186 7.97 15.97 -18.22
N VAL B 187 8.57 17.02 -18.75
CA VAL B 187 9.87 17.48 -18.28
C VAL B 187 9.89 18.99 -18.39
N THR B 188 10.54 19.65 -17.44
CA THR B 188 10.68 21.10 -17.42
C THR B 188 12.11 21.45 -17.81
N VAL B 189 12.25 22.33 -18.80
CA VAL B 189 13.55 22.70 -19.35
C VAL B 189 13.64 24.21 -19.40
N PRO B 190 14.85 24.76 -19.59
CA PRO B 190 14.97 26.20 -19.78
C PRO B 190 14.31 26.62 -21.08
N SER B 191 13.52 27.69 -21.01
CA SER B 191 12.88 28.22 -22.22
C SER B 191 13.90 28.57 -23.30
N SER B 192 15.10 29.00 -22.90
CA SER B 192 16.12 29.38 -23.87
C SER B 192 16.73 28.19 -24.61
N SER B 193 16.53 26.97 -24.11
CA SER B 193 17.07 25.80 -24.80
C SER B 193 16.20 25.33 -25.96
N LEU B 194 14.97 25.82 -26.09
CA LEU B 194 14.03 25.21 -27.01
C LEU B 194 14.40 25.42 -28.48
N GLY B 195 15.20 26.44 -28.78
CA GLY B 195 15.63 26.66 -30.15
C GLY B 195 16.83 25.84 -30.56
N THR B 196 17.70 25.50 -29.60
CA THR B 196 18.97 24.84 -29.88
C THR B 196 18.99 23.37 -29.49
N GLN B 197 18.27 22.98 -28.44
CA GLN B 197 18.34 21.64 -27.89
C GLN B 197 17.15 20.81 -28.35
N THR B 198 17.44 19.62 -28.88
CA THR B 198 16.39 18.68 -29.26
C THR B 198 15.96 17.88 -28.04
N TYR B 199 14.65 17.64 -27.93
CA TYR B 199 14.09 16.83 -26.85
C TYR B 199 13.32 15.68 -27.48
N ILE B 200 13.68 14.46 -27.08
CA ILE B 200 13.14 13.23 -27.65
C ILE B 200 12.75 12.32 -26.48
N CYS B 201 11.52 11.83 -26.50
CA CYS B 201 11.08 10.87 -25.50
C CYS B 201 11.21 9.48 -26.12
N ASN B 202 11.83 8.56 -25.38
CA ASN B 202 12.06 7.18 -25.80
C ASN B 202 11.11 6.30 -25.02
N VAL B 203 10.18 5.65 -25.73
CA VAL B 203 9.14 4.84 -25.12
C VAL B 203 9.43 3.39 -25.47
N ASN B 204 9.50 2.54 -24.44
CA ASN B 204 9.77 1.11 -24.58
C ASN B 204 8.59 0.34 -23.99
N HIS B 205 7.95 -0.48 -24.82
CA HIS B 205 6.84 -1.33 -24.40
C HIS B 205 7.27 -2.77 -24.66
N LYS B 206 7.93 -3.39 -23.70
CA LYS B 206 8.44 -4.74 -23.91
C LYS B 206 7.34 -5.77 -24.19
N PRO B 207 6.14 -5.71 -23.58
CA PRO B 207 5.13 -6.73 -23.90
C PRO B 207 4.79 -6.85 -25.37
N SER B 208 4.75 -5.74 -26.11
CA SER B 208 4.56 -5.81 -27.56
C SER B 208 5.86 -5.72 -28.35
N ASN B 209 7.00 -5.62 -27.67
CA ASN B 209 8.31 -5.48 -28.32
C ASN B 209 8.35 -4.25 -29.23
N THR B 210 7.79 -3.14 -28.73
CA THR B 210 7.72 -1.90 -29.46
C THR B 210 8.65 -0.86 -28.82
N LYS B 211 9.33 -0.08 -29.64
CA LYS B 211 10.11 1.07 -29.22
C LYS B 211 9.77 2.21 -30.16
N VAL B 212 9.50 3.39 -29.58
CA VAL B 212 9.05 4.55 -30.33
C VAL B 212 9.78 5.76 -29.78
N ASP B 213 10.56 6.44 -30.63
CA ASP B 213 11.19 7.71 -30.31
C ASP B 213 10.43 8.83 -30.99
N LYS B 214 9.99 9.81 -30.21
CA LYS B 214 9.20 10.94 -30.69
C LYS B 214 9.93 12.23 -30.35
N LYS B 215 10.17 13.07 -31.35
CA LYS B 215 10.78 14.38 -31.13
C LYS B 215 9.69 15.39 -30.77
N VAL B 216 9.86 16.09 -29.65
CA VAL B 216 8.90 17.05 -29.12
C VAL B 216 9.51 18.45 -29.32
N GLU B 217 8.82 19.27 -30.09
CA GLU B 217 9.32 20.58 -30.47
C GLU B 217 8.20 21.60 -30.42
N PRO B 218 8.52 22.89 -30.30
CA PRO B 218 7.47 23.91 -30.15
C PRO B 218 6.61 24.03 -31.39
N LYS B 219 5.36 24.45 -31.19
CA LYS B 219 4.46 24.71 -32.31
C LYS B 219 4.76 26.08 -32.91
N GLN C 1 -25.41 26.94 4.99
CA GLN C 1 -25.13 28.35 5.27
C GLN C 1 -24.35 28.49 6.59
N VAL C 2 -23.03 28.52 6.47
CA VAL C 2 -22.15 28.69 7.61
C VAL C 2 -21.84 30.17 7.76
N GLN C 3 -21.78 30.64 9.00
CA GLN C 3 -21.35 31.99 9.33
C GLN C 3 -20.04 31.91 10.11
N LEU C 4 -19.03 32.64 9.66
CA LEU C 4 -17.73 32.69 10.31
C LEU C 4 -17.49 34.09 10.83
N GLN C 5 -16.82 34.20 11.98
CA GLN C 5 -16.47 35.50 12.55
C GLN C 5 -15.10 35.42 13.21
N GLU C 6 -14.16 36.21 12.71
CA GLU C 6 -12.83 36.30 13.29
C GLU C 6 -12.82 37.33 14.40
N SER C 7 -11.94 37.14 15.37
CA SER C 7 -11.73 38.13 16.41
C SER C 7 -10.29 38.01 16.90
N GLY C 8 -9.87 39.01 17.68
CA GLY C 8 -8.54 39.01 18.23
C GLY C 8 -7.58 39.99 17.59
N GLY C 9 -7.98 40.69 16.55
CA GLY C 9 -7.10 41.65 15.93
C GLY C 9 -6.76 42.79 16.88
N GLY C 10 -5.72 43.52 16.52
CA GLY C 10 -5.30 44.63 17.32
C GLY C 10 -3.91 45.09 16.92
N LEU C 11 -3.35 45.97 17.76
CA LEU C 11 -2.03 46.55 17.54
C LEU C 11 -1.03 45.86 18.45
N VAL C 12 0.04 45.35 17.85
CA VAL C 12 1.05 44.52 18.49
C VAL C 12 2.41 45.01 18.00
N GLN C 13 3.42 44.95 18.87
CA GLN C 13 4.72 45.44 18.42
C GLN C 13 5.50 44.36 17.69
N PRO C 14 6.52 44.74 16.91
CA PRO C 14 7.40 43.73 16.31
C PRO C 14 8.02 42.84 17.38
N GLY C 15 8.09 41.55 17.07
CA GLY C 15 8.50 40.55 18.02
C GLY C 15 7.44 40.06 18.96
N GLY C 16 6.24 40.65 18.90
CA GLY C 16 5.18 40.31 19.81
C GLY C 16 4.40 39.07 19.40
N SER C 17 3.37 38.79 20.20
CA SER C 17 2.56 37.59 20.03
C SER C 17 1.08 37.95 20.12
N LEU C 18 0.26 37.19 19.40
CA LEU C 18 -1.15 37.51 19.26
C LEU C 18 -1.88 36.23 18.88
N ARG C 19 -3.10 36.06 19.41
CA ARG C 19 -3.93 34.89 19.13
C ARG C 19 -5.26 35.32 18.54
N LEU C 20 -5.55 34.85 17.34
CA LEU C 20 -6.84 35.06 16.69
C LEU C 20 -7.73 33.84 16.88
N SER C 21 -9.03 34.08 16.85
CA SER C 21 -10.04 33.02 16.95
C SER C 21 -11.02 33.21 15.80
N CYS C 22 -11.60 32.10 15.35
CA CYS C 22 -12.61 32.13 14.31
C CYS C 22 -13.73 31.19 14.71
N ALA C 23 -14.89 31.74 15.07
CA ALA C 23 -16.03 30.97 15.55
C ALA C 23 -16.99 30.74 14.41
N ALA C 24 -17.49 29.52 14.29
CA ALA C 24 -18.47 29.15 13.30
C ALA C 24 -19.84 28.97 13.95
N SER C 25 -20.89 29.35 13.23
CA SER C 25 -22.27 29.07 13.63
C SER C 25 -23.03 28.53 12.41
N GLY C 26 -24.12 27.82 12.69
CA GLY C 26 -24.99 27.32 11.65
C GLY C 26 -24.63 25.98 11.05
N ARG C 27 -23.62 25.30 11.59
CA ARG C 27 -23.12 24.03 11.08
C ARG C 27 -22.00 23.60 12.03
N THR C 28 -21.87 22.31 12.30
CA THR C 28 -20.72 21.80 13.05
C THR C 28 -19.54 21.65 12.11
N ILE C 29 -18.40 22.25 12.45
CA ILE C 29 -17.28 22.28 11.53
C ILE C 29 -16.28 21.16 11.76
N SER C 30 -16.58 20.25 12.68
CA SER C 30 -15.64 19.19 13.01
C SER C 30 -15.26 18.33 11.81
N ARG C 31 -16.14 18.24 10.81
CA ARG C 31 -15.87 17.44 9.62
C ARG C 31 -15.03 18.15 8.58
N TYR C 32 -14.79 19.45 8.73
CA TYR C 32 -14.21 20.27 7.68
C TYR C 32 -12.90 20.90 8.09
N ALA C 33 -11.98 20.98 7.12
CA ALA C 33 -10.79 21.80 7.30
C ALA C 33 -11.15 23.28 7.38
N MET C 34 -10.38 24.02 8.18
CA MET C 34 -10.53 25.45 8.38
C MET C 34 -9.19 26.10 8.09
N SER C 35 -9.18 27.12 7.23
CA SER C 35 -7.95 27.74 6.79
C SER C 35 -7.93 29.22 7.20
N TRP C 36 -6.72 29.74 7.39
CA TRP C 36 -6.49 31.16 7.57
C TRP C 36 -5.79 31.71 6.34
N PHE C 37 -6.24 32.86 5.89
CA PHE C 37 -5.67 33.65 4.82
C PHE C 37 -5.40 35.04 5.36
N ARG C 38 -4.61 35.81 4.62
CA ARG C 38 -4.41 37.21 4.98
C ARG C 38 -4.26 38.06 3.74
N GLN C 39 -4.62 39.33 3.86
CA GLN C 39 -4.50 40.26 2.75
C GLN C 39 -3.97 41.59 3.30
N ALA C 40 -2.80 41.98 2.89
CA ALA C 40 -2.24 43.31 3.15
C ALA C 40 -2.68 44.26 2.05
N PRO C 41 -2.73 45.56 2.32
CA PRO C 41 -3.22 46.49 1.28
C PRO C 41 -2.31 46.49 0.07
N GLY C 42 -2.94 46.48 -1.11
CA GLY C 42 -2.18 46.44 -2.34
C GLY C 42 -1.56 45.12 -2.70
N LYS C 43 -1.86 44.06 -1.95
CA LYS C 43 -1.35 42.73 -2.22
C LYS C 43 -2.51 41.74 -2.34
N GLU C 44 -2.26 40.64 -3.02
CA GLU C 44 -3.29 39.61 -3.18
C GLU C 44 -3.38 38.78 -1.90
N ARG C 45 -4.50 38.06 -1.77
CA ARG C 45 -4.78 37.30 -0.57
C ARG C 45 -3.88 36.07 -0.49
N GLU C 46 -3.23 35.89 0.65
CA GLU C 46 -2.17 34.91 0.85
C GLU C 46 -2.64 33.80 1.79
N PHE C 47 -2.37 32.56 1.42
CA PHE C 47 -2.58 31.46 2.34
C PHE C 47 -1.64 31.55 3.54
N VAL C 48 -2.16 31.22 4.73
CA VAL C 48 -1.37 31.25 5.95
C VAL C 48 -1.27 29.83 6.52
N ALA C 49 -2.40 29.24 6.87
CA ALA C 49 -2.40 27.93 7.51
C ALA C 49 -3.73 27.21 7.30
N VAL C 50 -3.71 25.88 7.48
CA VAL C 50 -4.94 25.10 7.43
C VAL C 50 -4.90 24.09 8.57
N ALA C 51 -6.00 24.01 9.30
CA ALA C 51 -6.21 22.95 10.29
C ALA C 51 -7.23 22.00 9.67
N ARG C 52 -6.76 20.80 9.29
CA ARG C 52 -7.65 19.76 8.78
C ARG C 52 -8.40 19.18 9.99
N ARG C 53 -9.19 18.14 9.75
CA ARG C 53 -9.88 17.46 10.84
C ARG C 53 -8.87 16.99 11.89
N SER C 54 -9.33 16.91 13.14
CA SER C 54 -8.46 16.48 14.22
C SER C 54 -7.87 15.13 13.91
N GLY C 55 -6.53 15.07 13.81
CA GLY C 55 -5.83 13.86 13.43
C GLY C 55 -5.32 13.86 12.02
N ASP C 56 -5.73 14.83 11.21
CA ASP C 56 -5.30 14.93 9.81
C ASP C 56 -4.23 15.97 9.58
N GLY C 57 -3.83 16.71 10.61
CA GLY C 57 -2.65 17.55 10.56
C GLY C 57 -2.94 19.04 10.31
N ALA C 58 -1.94 19.85 10.55
CA ALA C 58 -1.95 21.28 10.23
C ALA C 58 -0.78 21.56 9.30
N PHE C 59 -0.99 22.44 8.34
CA PHE C 59 -0.03 22.74 7.30
C PHE C 59 0.06 24.25 7.16
N TYR C 60 1.26 24.71 6.79
CA TYR C 60 1.60 26.12 6.83
C TYR C 60 2.29 26.63 5.57
N ALA C 61 2.12 27.92 5.33
CA ALA C 61 2.90 28.64 4.30
C ALA C 61 4.33 28.87 4.75
N ASP C 62 5.25 28.95 3.78
CA ASP C 62 6.66 29.23 4.08
C ASP C 62 6.83 30.48 4.93
N SER C 63 6.07 31.52 4.61
CA SER C 63 6.26 32.82 5.25
C SER C 63 5.98 32.80 6.75
N VAL C 64 5.19 31.85 7.24
CA VAL C 64 4.80 31.82 8.65
C VAL C 64 5.25 30.58 9.37
N GLN C 65 5.82 29.61 8.66
CA GLN C 65 6.27 28.37 9.29
C GLN C 65 7.19 28.65 10.46
N GLY C 66 6.91 28.00 11.60
CA GLY C 66 7.73 28.13 12.80
C GLY C 66 7.23 29.20 13.76
N ARG C 67 6.56 30.21 13.23
CA ARG C 67 6.10 31.35 14.01
C ARG C 67 4.62 31.28 14.35
N PHE C 68 3.79 30.77 13.45
CA PHE C 68 2.34 30.70 13.64
C PHE C 68 1.93 29.25 13.92
N THR C 69 0.87 29.08 14.71
CA THR C 69 0.32 27.76 15.02
C THR C 69 -1.20 27.81 14.92
N VAL C 70 -1.77 26.91 14.12
CA VAL C 70 -3.22 26.78 14.02
C VAL C 70 -3.67 25.58 14.84
N SER C 71 -4.82 25.73 15.50
CA SER C 71 -5.40 24.68 16.32
C SER C 71 -6.91 24.83 16.26
N ARG C 72 -7.62 23.82 16.80
CA ARG C 72 -9.07 23.88 16.79
C ARG C 72 -9.65 23.34 18.09
N ASP C 73 -10.82 23.87 18.45
CA ASP C 73 -11.63 23.39 19.56
C ASP C 73 -12.98 22.98 18.95
N ASP C 74 -13.11 21.70 18.60
CA ASP C 74 -14.32 21.23 17.94
C ASP C 74 -15.55 21.40 18.82
N ALA C 75 -15.39 21.25 20.15
CA ALA C 75 -16.53 21.46 21.05
C ALA C 75 -17.04 22.90 20.96
N LYS C 76 -16.13 23.86 20.83
CA LYS C 76 -16.49 25.28 20.73
C LYS C 76 -16.78 25.74 19.30
N ASN C 77 -16.63 24.86 18.31
CA ASN C 77 -16.88 25.22 16.90
C ASN C 77 -15.98 26.37 16.47
N THR C 78 -14.75 26.38 16.98
CA THR C 78 -13.82 27.50 16.86
C THR C 78 -12.45 26.98 16.46
N VAL C 79 -11.75 27.77 15.63
CA VAL C 79 -10.35 27.54 15.30
C VAL C 79 -9.55 28.76 15.71
N TYR C 80 -8.25 28.54 15.93
CA TYR C 80 -7.37 29.55 16.48
C TYR C 80 -6.12 29.67 15.62
N LEU C 81 -5.54 30.87 15.61
CA LEU C 81 -4.23 31.12 15.01
C LEU C 81 -3.39 31.84 16.06
N GLN C 82 -2.46 31.13 16.67
CA GLN C 82 -1.45 31.71 17.55
C GLN C 82 -0.30 32.23 16.69
N MET C 83 0.08 33.48 16.89
CA MET C 83 1.12 34.13 16.09
C MET C 83 2.20 34.59 17.06
N ASN C 84 3.45 34.21 16.77
CA ASN C 84 4.61 34.64 17.54
C ASN C 84 5.62 35.31 16.62
N SER C 85 6.58 36.00 17.23
CA SER C 85 7.71 36.59 16.52
C SER C 85 7.23 37.46 15.36
N LEU C 86 6.22 38.28 15.65
CA LEU C 86 5.55 39.04 14.60
C LEU C 86 6.49 40.09 13.98
N LYS C 87 6.30 40.31 12.69
CA LYS C 87 7.08 41.21 11.86
C LYS C 87 6.16 42.29 11.29
N PRO C 88 6.71 43.44 10.87
CA PRO C 88 5.85 44.42 10.18
C PRO C 88 5.18 43.86 8.92
N GLU C 89 5.83 42.93 8.21
CA GLU C 89 5.23 42.38 7.00
C GLU C 89 4.07 41.45 7.31
N ASP C 90 3.82 41.11 8.58
CA ASP C 90 2.64 40.34 8.94
C ASP C 90 1.40 41.21 9.10
N THR C 91 1.52 42.53 9.00
CA THR C 91 0.36 43.40 9.04
C THR C 91 -0.59 43.05 7.90
N ALA C 92 -1.85 42.81 8.24
CA ALA C 92 -2.85 42.42 7.24
C ALA C 92 -4.20 42.26 7.91
N VAL C 93 -5.24 42.17 7.08
CA VAL C 93 -6.51 41.62 7.51
C VAL C 93 -6.41 40.10 7.45
N TYR C 94 -6.71 39.42 8.56
CA TYR C 94 -6.68 37.97 8.63
C TYR C 94 -8.09 37.42 8.54
N TYR C 95 -8.25 36.41 7.66
CA TYR C 95 -9.55 35.83 7.35
C TYR C 95 -9.50 34.34 7.66
N CYS C 96 -10.62 33.79 8.12
CA CYS C 96 -10.78 32.34 8.16
C CYS C 96 -11.77 31.92 7.09
N ALA C 97 -11.58 30.70 6.59
CA ALA C 97 -12.44 30.13 5.57
C ALA C 97 -12.61 28.63 5.83
N ILE C 98 -13.78 28.11 5.55
CA ILE C 98 -14.04 26.69 5.69
C ILE C 98 -13.91 26.03 4.33
N ASP C 99 -13.22 24.90 4.28
CA ASP C 99 -13.15 24.08 3.08
C ASP C 99 -14.38 23.17 3.08
N SER C 100 -15.30 23.44 2.14
CA SER C 100 -16.52 22.64 2.04
C SER C 100 -16.25 21.19 1.62
N ASP C 101 -15.09 20.93 1.02
CA ASP C 101 -14.76 19.59 0.53
C ASP C 101 -14.15 18.79 1.67
N THR C 102 -14.86 17.75 2.14
CA THR C 102 -14.31 16.89 3.17
C THR C 102 -13.07 16.12 2.71
N PHE C 103 -12.85 15.99 1.39
CA PHE C 103 -11.63 15.42 0.84
C PHE C 103 -10.53 16.45 0.58
N TYR C 104 -10.72 17.69 1.04
CA TYR C 104 -9.64 18.66 1.28
C TYR C 104 -9.10 19.28 -0.02
N SER C 105 -9.93 19.44 -1.04
CA SER C 105 -9.47 20.06 -2.27
C SER C 105 -9.41 21.59 -2.17
N GLY C 106 -9.85 22.17 -1.06
CA GLY C 106 -9.85 23.62 -0.94
C GLY C 106 -11.00 24.34 -1.59
N SER C 107 -12.22 23.83 -1.44
CA SER C 107 -13.42 24.50 -1.93
C SER C 107 -13.87 25.49 -0.85
N TYR C 108 -13.29 26.68 -0.88
CA TYR C 108 -13.54 27.68 0.16
C TYR C 108 -14.78 28.49 -0.18
N ASP C 109 -15.94 28.02 0.30
CA ASP C 109 -17.21 28.61 -0.07
C ASP C 109 -17.73 29.63 0.92
N TYR C 110 -17.25 29.62 2.17
CA TYR C 110 -17.66 30.57 3.18
C TYR C 110 -16.44 31.18 3.85
N TRP C 111 -16.48 32.52 4.03
CA TRP C 111 -15.39 33.30 4.57
C TRP C 111 -15.91 34.23 5.65
N GLY C 112 -15.07 34.56 6.61
CA GLY C 112 -15.36 35.63 7.54
C GLY C 112 -15.05 36.99 6.91
N GLN C 113 -15.44 38.04 7.63
CA GLN C 113 -15.17 39.39 7.15
C GLN C 113 -13.78 39.88 7.51
N GLY C 114 -13.09 39.19 8.40
CA GLY C 114 -11.69 39.45 8.68
C GLY C 114 -11.48 40.22 9.97
N THR C 115 -10.23 40.20 10.46
CA THR C 115 -9.84 40.97 11.63
C THR C 115 -8.46 41.58 11.36
N GLN C 116 -8.30 42.87 11.71
CA GLN C 116 -7.08 43.58 11.38
C GLN C 116 -6.00 43.27 12.41
N VAL C 117 -4.81 42.90 11.93
CA VAL C 117 -3.59 42.80 12.74
C VAL C 117 -2.57 43.80 12.21
N THR C 118 -2.11 44.69 13.08
CA THR C 118 -1.15 45.71 12.69
C THR C 118 0.08 45.53 13.57
N VAL C 119 1.22 45.29 12.94
CA VAL C 119 2.48 45.08 13.66
C VAL C 119 3.28 46.36 13.51
N SER C 120 3.44 47.09 14.61
CA SER C 120 4.00 48.44 14.57
C SER C 120 4.45 48.86 15.96
N SER C 121 5.49 49.68 15.99
CA SER C 121 5.94 50.26 17.24
C SER C 121 5.18 51.53 17.62
N GLU C 122 4.25 51.99 16.78
CA GLU C 122 3.73 53.36 16.91
C GLU C 122 2.87 53.57 18.14
N HIS C 123 2.26 52.52 18.69
CA HIS C 123 1.37 52.64 19.82
C HIS C 123 1.83 51.76 20.97
N HIS C 124 3.13 51.66 21.18
CA HIS C 124 3.71 50.98 22.33
C HIS C 124 4.80 51.84 22.92
N HIS C 125 4.81 51.92 24.25
CA HIS C 125 5.74 52.75 25.01
C HIS C 125 6.56 51.86 25.94
N ASP D 1 -13.37 -14.14 9.66
CA ASP D 1 -11.96 -13.69 9.44
C ASP D 1 -11.64 -12.48 10.32
N ASN D 2 -10.39 -12.38 10.76
CA ASN D 2 -9.96 -11.20 11.49
C ASN D 2 -9.79 -10.05 10.51
N VAL D 3 -10.41 -8.91 10.82
CA VAL D 3 -10.28 -7.70 10.03
C VAL D 3 -9.34 -6.74 10.77
N LEU D 4 -8.28 -6.33 10.11
CA LEU D 4 -7.34 -5.38 10.68
C LEU D 4 -7.60 -4.00 10.08
N THR D 5 -7.84 -3.01 10.93
CA THR D 5 -8.10 -1.64 10.52
C THR D 5 -6.95 -0.76 11.01
N GLN D 6 -6.23 -0.15 10.09
CA GLN D 6 -5.16 0.77 10.44
C GLN D 6 -5.66 2.22 10.44
N SER D 7 -5.06 3.05 11.27
CA SER D 7 -5.34 4.49 11.27
C SER D 7 -4.04 5.22 11.57
N PRO D 8 -3.80 6.38 10.93
CA PRO D 8 -4.59 7.05 9.85
C PRO D 8 -4.37 6.29 8.54
N ASP D 9 -5.21 6.53 7.53
CA ASP D 9 -4.94 5.96 6.22
C ASP D 9 -3.70 6.57 5.59
N SER D 10 -3.40 7.82 5.92
CA SER D 10 -2.18 8.47 5.45
C SER D 10 -1.80 9.52 6.48
N LEU D 11 -0.50 9.83 6.54
CA LEU D 11 -0.08 10.90 7.42
C LEU D 11 1.20 11.53 6.89
N ALA D 12 1.36 12.81 7.20
CA ALA D 12 2.53 13.58 6.83
C ALA D 12 3.27 13.89 8.12
N VAL D 13 4.56 13.57 8.16
CA VAL D 13 5.41 13.80 9.32
C VAL D 13 6.66 14.55 8.87
N SER D 14 7.07 15.52 9.69
CA SER D 14 8.31 16.24 9.41
C SER D 14 9.53 15.37 9.72
N LEU D 15 10.62 15.56 8.97
CA LEU D 15 11.85 14.80 9.19
C LEU D 15 12.32 15.02 10.62
N GLY D 16 12.71 13.96 11.29
CA GLY D 16 13.18 14.00 12.67
C GLY D 16 12.09 13.83 13.71
N GLU D 17 10.81 13.90 13.33
CA GLU D 17 9.73 13.86 14.30
C GLU D 17 9.17 12.45 14.42
N ARG D 18 8.36 12.24 15.45
CA ARG D 18 7.79 10.94 15.71
C ARG D 18 6.60 10.71 14.80
N ALA D 19 6.50 9.48 14.28
CA ALA D 19 5.36 9.00 13.51
C ALA D 19 4.80 7.78 14.23
N THR D 20 3.48 7.75 14.43
CA THR D 20 2.82 6.61 15.07
C THR D 20 1.65 6.16 14.21
N ILE D 21 1.59 4.85 13.95
CA ILE D 21 0.54 4.22 13.16
C ILE D 21 -0.10 3.16 14.03
N SER D 22 -1.43 3.06 13.98
CA SER D 22 -2.18 2.13 14.81
C SER D 22 -2.75 1.01 13.94
N CYS D 23 -2.96 -0.15 14.57
CA CYS D 23 -3.61 -1.28 13.93
C CYS D 23 -4.56 -1.87 14.96
N ARG D 24 -5.85 -1.97 14.63
CA ARG D 24 -6.85 -2.56 15.50
C ARG D 24 -7.41 -3.80 14.81
N ALA D 25 -7.29 -4.94 15.47
CA ALA D 25 -7.83 -6.20 14.99
C ALA D 25 -9.24 -6.38 15.54
N SER D 26 -10.14 -6.95 14.72
CA SER D 26 -11.49 -7.22 15.20
C SER D 26 -11.52 -8.38 16.18
N LYS D 27 -10.54 -9.28 16.11
CA LYS D 27 -10.40 -10.37 17.07
C LYS D 27 -9.00 -10.33 17.67
N SER D 28 -8.87 -10.82 18.90
CA SER D 28 -7.56 -10.82 19.54
C SER D 28 -6.59 -11.71 18.79
N VAL D 29 -5.35 -11.25 18.62
CA VAL D 29 -4.29 -12.04 18.02
C VAL D 29 -3.35 -12.62 19.06
N ARG D 30 -3.72 -12.54 20.34
CA ARG D 30 -2.87 -13.02 21.42
C ARG D 30 -3.25 -14.44 21.81
N THR D 31 -2.29 -15.36 21.76
CA THR D 31 -2.46 -16.71 22.26
C THR D 31 -1.08 -17.25 22.64
N SER D 32 -1.05 -18.04 23.70
CA SER D 32 0.19 -18.66 24.18
C SER D 32 1.22 -17.64 24.59
N GLY D 33 0.79 -16.49 25.11
CA GLY D 33 1.71 -15.49 25.59
C GLY D 33 2.42 -14.67 24.54
N TYR D 34 2.08 -14.84 23.27
CA TYR D 34 2.63 -14.05 22.18
C TYR D 34 1.49 -13.32 21.47
N ASN D 35 1.77 -12.10 21.00
CA ASN D 35 0.87 -11.36 20.13
C ASN D 35 1.29 -11.60 18.69
N TYR D 36 0.49 -12.35 17.93
CA TYR D 36 0.82 -12.68 16.54
C TYR D 36 0.39 -11.54 15.61
N MET D 37 1.09 -10.43 15.73
CA MET D 37 0.93 -9.27 14.85
C MET D 37 2.32 -8.88 14.37
N HIS D 38 2.44 -8.60 13.07
CA HIS D 38 3.71 -8.25 12.44
C HIS D 38 3.49 -7.00 11.61
N TRP D 39 4.56 -6.23 11.40
CA TRP D 39 4.52 -4.99 10.62
C TRP D 39 5.49 -5.02 9.45
N TYR D 40 5.07 -4.43 8.32
CA TYR D 40 5.85 -4.42 7.09
C TYR D 40 5.89 -3.02 6.51
N GLN D 41 6.97 -2.75 5.81
CA GLN D 41 7.16 -1.57 5.02
C GLN D 41 7.12 -1.95 3.55
N GLN D 42 6.48 -1.10 2.72
CA GLN D 42 6.52 -1.34 1.27
C GLN D 42 6.73 -0.01 0.53
N LYS D 43 7.64 -0.02 -0.40
CA LYS D 43 7.89 1.09 -1.32
C LYS D 43 7.48 0.70 -2.73
N PRO D 44 7.19 1.67 -3.62
CA PRO D 44 6.75 1.31 -4.97
C PRO D 44 7.78 0.47 -5.73
N GLY D 45 7.28 -0.56 -6.40
CA GLY D 45 8.14 -1.43 -7.18
C GLY D 45 8.74 -2.60 -6.44
N GLN D 46 8.57 -2.69 -5.13
CA GLN D 46 9.22 -3.67 -4.29
C GLN D 46 8.20 -4.48 -3.51
N PRO D 47 8.52 -5.71 -3.10
CA PRO D 47 7.66 -6.41 -2.15
C PRO D 47 7.71 -5.77 -0.78
N PRO D 48 6.74 -6.06 0.09
CA PRO D 48 6.86 -5.61 1.48
C PRO D 48 8.10 -6.19 2.13
N LYS D 49 8.60 -5.45 3.14
CA LYS D 49 9.75 -5.83 3.94
C LYS D 49 9.33 -5.97 5.40
N LEU D 50 9.65 -7.09 6.03
CA LEU D 50 9.32 -7.27 7.43
C LEU D 50 10.17 -6.36 8.32
N LEU D 51 9.51 -5.63 9.21
CA LEU D 51 10.17 -4.77 10.17
C LEU D 51 10.08 -5.29 11.60
N ILE D 52 8.88 -5.63 12.04
CA ILE D 52 8.59 -5.96 13.43
C ILE D 52 7.84 -7.27 13.43
N TYR D 53 8.27 -8.21 14.28
CA TYR D 53 7.57 -9.48 14.42
C TYR D 53 7.09 -9.64 15.87
N LEU D 54 5.94 -10.30 16.04
CA LEU D 54 5.37 -10.57 17.36
C LEU D 54 5.20 -9.28 18.14
N ALA D 55 4.69 -8.28 17.43
CA ALA D 55 4.27 -6.99 17.94
C ALA D 55 5.39 -6.04 18.30
N SER D 56 6.47 -6.50 18.96
CA SER D 56 7.43 -5.57 19.55
C SER D 56 8.89 -5.92 19.30
N ASN D 57 9.17 -6.92 18.45
CA ASN D 57 10.55 -7.38 18.22
C ASN D 57 11.06 -6.87 16.88
N LEU D 58 12.20 -6.19 16.90
CA LEU D 58 12.81 -5.69 15.68
C LEU D 58 13.49 -6.82 14.93
N LYS D 59 13.19 -6.95 13.63
CA LYS D 59 13.90 -7.87 12.77
C LYS D 59 15.33 -7.38 12.60
N SER D 60 16.26 -8.32 12.49
CA SER D 60 17.66 -7.97 12.34
C SER D 60 17.91 -7.14 11.09
N GLY D 61 18.74 -6.09 11.24
CA GLY D 61 19.02 -5.19 10.16
C GLY D 61 18.07 -4.03 9.99
N VAL D 62 17.04 -3.91 10.83
CA VAL D 62 16.08 -2.82 10.80
C VAL D 62 16.55 -1.75 11.77
N PRO D 63 16.51 -0.45 11.44
CA PRO D 63 17.05 0.55 12.37
C PRO D 63 16.22 0.61 13.64
N ASP D 64 16.88 0.96 14.74
CA ASP D 64 16.22 0.92 16.04
C ASP D 64 15.35 2.15 16.31
N ARG D 65 15.22 3.07 15.36
CA ARG D 65 14.18 4.09 15.48
C ARG D 65 12.79 3.50 15.27
N PHE D 66 12.70 2.28 14.70
CA PHE D 66 11.42 1.59 14.61
C PHE D 66 11.16 0.79 15.89
N SER D 67 9.90 0.80 16.34
CA SER D 67 9.50 -0.01 17.48
C SER D 67 8.02 -0.30 17.36
N GLY D 68 7.59 -1.33 18.06
CA GLY D 68 6.20 -1.73 18.07
C GLY D 68 5.75 -2.02 19.48
N SER D 69 4.47 -1.81 19.73
CA SER D 69 3.89 -2.11 21.04
C SER D 69 2.42 -2.46 20.87
N GLY D 70 1.81 -2.87 21.98
CA GLY D 70 0.41 -3.26 22.04
C GLY D 70 0.24 -4.73 22.34
N SER D 71 -0.99 -5.09 22.65
CA SER D 71 -1.35 -6.49 22.90
C SER D 71 -2.84 -6.68 22.60
N GLY D 72 -3.23 -7.93 22.39
CA GLY D 72 -4.62 -8.26 22.14
C GLY D 72 -5.15 -7.75 20.82
N THR D 73 -6.04 -6.76 20.84
CA THR D 73 -6.61 -6.18 19.64
C THR D 73 -6.00 -4.84 19.26
N ASP D 74 -5.09 -4.29 20.07
CA ASP D 74 -4.60 -2.93 19.89
C ASP D 74 -3.09 -2.94 19.68
N PHE D 75 -2.61 -2.30 18.61
CA PHE D 75 -1.18 -2.29 18.32
C PHE D 75 -0.76 -0.96 17.70
N THR D 76 0.51 -0.64 17.86
CA THR D 76 1.06 0.59 17.29
C THR D 76 2.46 0.32 16.73
N LEU D 77 2.78 0.99 15.64
CA LEU D 77 4.11 1.05 15.07
C LEU D 77 4.58 2.48 15.23
N THR D 78 5.80 2.67 15.78
CA THR D 78 6.34 4.00 16.04
C THR D 78 7.69 4.13 15.37
N ILE D 79 7.90 5.23 14.66
CA ILE D 79 9.21 5.66 14.16
C ILE D 79 9.55 6.85 15.02
N SER D 80 10.58 6.72 15.86
CA SER D 80 10.87 7.76 16.84
C SER D 80 11.45 9.01 16.20
N SER D 81 12.12 8.88 15.04
CA SER D 81 12.79 10.02 14.41
C SER D 81 12.74 9.79 12.89
N LEU D 82 11.72 10.34 12.25
CA LEU D 82 11.49 10.04 10.85
C LEU D 82 12.63 10.51 9.95
N GLN D 83 13.05 9.64 9.03
CA GLN D 83 14.11 9.92 8.06
C GLN D 83 13.52 9.79 6.66
N ALA D 84 14.19 10.40 5.68
CA ALA D 84 13.63 10.44 4.32
C ALA D 84 13.40 9.03 3.74
N GLU D 85 14.25 8.08 4.11
CA GLU D 85 14.10 6.72 3.61
C GLU D 85 12.92 5.99 4.25
N ASP D 86 12.26 6.57 5.25
CA ASP D 86 11.13 5.93 5.91
C ASP D 86 9.79 6.24 5.25
N ALA D 87 9.76 7.11 4.24
CA ALA D 87 8.52 7.38 3.51
C ALA D 87 8.14 6.14 2.70
N ALA D 88 6.97 5.61 2.98
CA ALA D 88 6.55 4.29 2.48
C ALA D 88 5.12 4.01 2.92
N THR D 89 4.55 2.88 2.51
CA THR D 89 3.29 2.38 3.04
C THR D 89 3.59 1.28 4.05
N TYR D 90 2.91 1.31 5.17
CA TYR D 90 3.13 0.35 6.25
C TYR D 90 1.89 -0.49 6.43
N TYR D 91 2.08 -1.80 6.63
CA TYR D 91 1.00 -2.75 6.81
C TYR D 91 1.19 -3.55 8.09
N CYS D 92 0.10 -3.78 8.82
CA CYS D 92 0.09 -4.79 9.87
C CYS D 92 -0.47 -6.09 9.28
N GLN D 93 -0.13 -7.20 9.95
CA GLN D 93 -0.59 -8.52 9.54
C GLN D 93 -0.69 -9.40 10.78
N HIS D 94 -1.74 -10.22 10.87
CA HIS D 94 -1.83 -11.15 11.98
C HIS D 94 -1.49 -12.55 11.47
N SER D 95 -1.04 -13.40 12.38
CA SER D 95 -0.79 -14.82 12.10
C SER D 95 -1.38 -15.66 13.24
N ARG D 96 -2.58 -15.25 13.70
CA ARG D 96 -3.27 -15.93 14.79
C ARG D 96 -4.05 -17.14 14.29
N GLU D 97 -4.58 -17.06 13.07
CA GLU D 97 -5.48 -18.06 12.51
C GLU D 97 -5.40 -17.96 11.00
N LEU D 98 -6.06 -18.89 10.29
CA LEU D 98 -6.25 -18.70 8.85
C LEU D 98 -7.63 -18.12 8.57
N PRO D 99 -7.79 -17.30 7.52
CA PRO D 99 -6.76 -16.80 6.59
C PRO D 99 -5.89 -15.75 7.27
N TYR D 100 -4.59 -15.77 7.02
CA TYR D 100 -3.76 -14.62 7.35
C TYR D 100 -4.37 -13.42 6.64
N THR D 101 -4.46 -12.29 7.34
CA THR D 101 -4.98 -11.08 6.75
C THR D 101 -4.09 -9.89 7.10
N PHE D 102 -4.16 -8.85 6.28
CA PHE D 102 -3.39 -7.64 6.41
C PHE D 102 -4.32 -6.46 6.67
N GLY D 103 -3.78 -5.44 7.32
CA GLY D 103 -4.44 -4.16 7.36
C GLY D 103 -4.47 -3.55 5.96
N GLN D 104 -5.17 -2.41 5.85
CA GLN D 104 -5.34 -1.80 4.52
C GLN D 104 -4.12 -0.99 4.10
N GLY D 105 -3.22 -0.71 5.02
CA GLY D 105 -2.06 0.09 4.68
C GLY D 105 -2.19 1.52 5.18
N THR D 106 -1.07 2.09 5.64
CA THR D 106 -0.98 3.49 6.06
C THR D 106 0.18 4.08 5.26
N LYS D 107 -0.11 5.12 4.47
CA LYS D 107 0.91 5.79 3.69
C LYS D 107 1.55 6.92 4.51
N LEU D 108 2.86 6.84 4.70
CA LEU D 108 3.62 7.80 5.48
C LEU D 108 4.44 8.64 4.53
N GLU D 109 4.17 9.94 4.49
CA GLU D 109 4.84 10.86 3.59
C GLU D 109 5.59 11.92 4.39
N ILE D 110 6.44 12.66 3.70
CA ILE D 110 7.24 13.71 4.32
C ILE D 110 6.43 15.01 4.28
N LYS D 111 6.30 15.63 5.44
CA LYS D 111 5.59 16.92 5.53
C LYS D 111 6.49 18.05 5.06
N ARG D 112 5.90 19.03 4.35
CA ARG D 112 6.55 20.26 3.98
C ARG D 112 5.52 21.37 4.03
N THR D 113 5.95 22.59 3.65
CA THR D 113 5.06 23.73 3.60
C THR D 113 4.13 23.60 2.39
N VAL D 114 3.01 24.31 2.50
CA VAL D 114 2.01 24.33 1.43
C VAL D 114 2.58 25.02 0.19
N ALA D 115 2.25 24.49 -0.97
CA ALA D 115 2.68 25.07 -2.25
C ALA D 115 1.53 24.90 -3.23
N ALA D 116 1.01 25.99 -3.72
CA ALA D 116 -0.05 25.93 -4.72
C ALA D 116 0.51 25.47 -6.07
N PRO D 117 -0.29 24.81 -6.90
CA PRO D 117 0.26 24.31 -8.16
C PRO D 117 0.49 25.38 -9.21
N SER D 118 1.56 25.18 -9.99
CA SER D 118 1.72 25.83 -11.29
C SER D 118 0.93 25.02 -12.32
N VAL D 119 0.10 25.71 -13.13
CA VAL D 119 -0.85 25.05 -14.01
C VAL D 119 -0.50 25.32 -15.46
N PHE D 120 -0.32 24.24 -16.20
CA PHE D 120 0.01 24.31 -17.62
C PHE D 120 -0.98 23.49 -18.43
N ILE D 121 -1.15 23.84 -19.72
CA ILE D 121 -2.12 23.14 -20.56
C ILE D 121 -1.51 22.89 -21.93
N PHE D 122 -1.91 21.78 -22.56
CA PHE D 122 -1.35 21.32 -23.82
C PHE D 122 -2.49 20.99 -24.78
N PRO D 123 -2.58 21.61 -25.94
CA PRO D 123 -3.58 21.18 -26.92
C PRO D 123 -3.25 19.81 -27.47
N PRO D 124 -4.19 19.15 -28.12
CA PRO D 124 -3.86 17.90 -28.82
C PRO D 124 -2.87 18.16 -29.95
N SER D 125 -2.09 17.15 -30.27
CA SER D 125 -1.18 17.24 -31.41
C SER D 125 -1.94 17.08 -32.72
N ASP D 126 -1.39 17.66 -33.79
CA ASP D 126 -1.97 17.49 -35.11
C ASP D 126 -1.95 16.02 -35.52
N GLU D 127 -0.88 15.30 -35.15
CA GLU D 127 -0.79 13.88 -35.47
C GLU D 127 -1.93 13.10 -34.84
N GLN D 128 -2.24 13.36 -33.56
CA GLN D 128 -3.33 12.63 -32.94
C GLN D 128 -4.65 12.96 -33.62
N LEU D 129 -4.86 14.25 -33.92
CA LEU D 129 -6.13 14.70 -34.49
C LEU D 129 -6.43 13.98 -35.81
N LYS D 130 -5.40 13.64 -36.59
CA LYS D 130 -5.61 12.90 -37.82
C LYS D 130 -6.29 11.55 -37.57
N SER D 131 -6.04 10.95 -36.40
CA SER D 131 -6.56 9.63 -36.08
C SER D 131 -7.98 9.66 -35.53
N GLY D 132 -8.59 10.84 -35.36
CA GLY D 132 -9.98 10.93 -34.96
C GLY D 132 -10.23 11.22 -33.50
N THR D 133 -9.19 11.45 -32.70
CA THR D 133 -9.32 11.66 -31.26
C THR D 133 -8.47 12.86 -30.86
N ALA D 134 -8.90 13.52 -29.79
CA ALA D 134 -8.24 14.71 -29.28
C ALA D 134 -8.07 14.52 -27.77
N SER D 135 -6.83 14.52 -27.30
CA SER D 135 -6.51 14.52 -25.88
C SER D 135 -5.97 15.89 -25.52
N VAL D 136 -6.58 16.51 -24.51
CA VAL D 136 -6.16 17.81 -23.98
C VAL D 136 -5.65 17.55 -22.58
N VAL D 137 -4.43 18.00 -22.28
CA VAL D 137 -3.74 17.63 -21.04
C VAL D 137 -3.48 18.85 -20.18
N CYS D 138 -3.91 18.79 -18.91
CA CYS D 138 -3.72 19.86 -17.94
C CYS D 138 -2.72 19.35 -16.90
N LEU D 139 -1.68 20.12 -16.65
CA LEU D 139 -0.58 19.70 -15.79
C LEU D 139 -0.52 20.62 -14.58
N LEU D 140 -0.59 20.05 -13.38
CA LEU D 140 -0.41 20.77 -12.13
C LEU D 140 0.94 20.32 -11.59
N ASN D 141 1.90 21.26 -11.51
CA ASN D 141 3.29 20.94 -11.20
C ASN D 141 3.66 21.40 -9.79
N ASN D 142 4.21 20.47 -9.01
CA ASN D 142 4.99 20.81 -7.81
C ASN D 142 4.16 21.53 -6.76
N PHE D 143 3.13 20.81 -6.29
CA PHE D 143 2.23 21.37 -5.28
C PHE D 143 2.22 20.47 -4.04
N TYR D 144 1.71 21.01 -2.94
CA TYR D 144 1.63 20.28 -1.67
C TYR D 144 0.58 20.94 -0.80
N PRO D 145 -0.29 20.18 -0.13
CA PRO D 145 -0.44 18.72 -0.09
C PRO D 145 -1.05 18.18 -1.40
N ARG D 146 -1.22 16.87 -1.44
CA ARG D 146 -1.63 16.17 -2.65
C ARG D 146 -3.04 16.50 -3.12
N GLU D 147 -3.94 16.85 -2.22
CA GLU D 147 -5.33 16.95 -2.60
C GLU D 147 -5.57 18.18 -3.48
N ALA D 148 -6.25 17.98 -4.59
CA ALA D 148 -6.55 19.02 -5.55
C ALA D 148 -7.78 18.60 -6.33
N LYS D 149 -8.45 19.58 -6.94
CA LYS D 149 -9.57 19.33 -7.83
C LYS D 149 -9.28 20.01 -9.16
N VAL D 150 -9.42 19.27 -10.26
CA VAL D 150 -9.35 19.81 -11.60
C VAL D 150 -10.73 19.65 -12.24
N GLN D 151 -11.24 20.72 -12.81
CA GLN D 151 -12.48 20.70 -13.56
C GLN D 151 -12.22 21.25 -14.96
N TRP D 152 -12.72 20.55 -15.97
CA TRP D 152 -12.58 20.98 -17.35
C TRP D 152 -13.78 21.80 -17.78
N LYS D 153 -13.53 22.84 -18.58
CA LYS D 153 -14.59 23.60 -19.22
C LYS D 153 -14.27 23.71 -20.70
N VAL D 154 -15.29 23.54 -21.52
CA VAL D 154 -15.20 23.70 -22.96
C VAL D 154 -16.19 24.78 -23.37
N ASP D 155 -15.67 25.89 -23.90
CA ASP D 155 -16.47 27.10 -24.19
C ASP D 155 -17.33 27.47 -22.98
N ASN D 156 -16.72 27.38 -21.78
CA ASN D 156 -17.27 27.74 -20.48
C ASN D 156 -18.34 26.78 -19.98
N ALA D 157 -18.56 25.64 -20.65
CA ALA D 157 -19.44 24.58 -20.16
C ALA D 157 -18.66 23.53 -19.35
N LEU D 158 -19.08 23.33 -18.12
CA LEU D 158 -18.42 22.32 -17.30
C LEU D 158 -18.59 20.93 -17.88
N GLN D 159 -17.50 20.16 -17.88
CA GLN D 159 -17.46 18.81 -18.41
C GLN D 159 -17.59 17.80 -17.27
N SER D 160 -18.09 16.61 -17.60
CA SER D 160 -18.06 15.51 -16.64
C SER D 160 -17.98 14.20 -17.41
N GLY D 161 -17.25 13.24 -16.87
CA GLY D 161 -17.21 11.90 -17.40
C GLY D 161 -16.25 11.67 -18.54
N ASN D 162 -15.56 12.73 -19.02
CA ASN D 162 -14.68 12.60 -20.18
C ASN D 162 -13.24 12.95 -19.81
N SER D 163 -12.87 12.84 -18.54
CA SER D 163 -11.50 13.09 -18.14
C SER D 163 -11.04 12.04 -17.13
N GLN D 164 -9.72 11.87 -17.05
CA GLN D 164 -9.08 10.98 -16.09
C GLN D 164 -7.84 11.70 -15.61
N GLU D 165 -7.43 11.40 -14.38
CA GLU D 165 -6.29 12.07 -13.79
C GLU D 165 -5.37 11.07 -13.09
N SER D 166 -4.12 11.48 -12.90
CA SER D 166 -3.08 10.66 -12.33
C SER D 166 -2.12 11.57 -11.57
N VAL D 167 -1.59 11.05 -10.45
CA VAL D 167 -0.73 11.82 -9.56
C VAL D 167 0.59 11.10 -9.35
N THR D 168 1.68 11.86 -9.32
CA THR D 168 2.98 11.25 -9.05
C THR D 168 3.12 10.93 -7.55
N GLU D 169 4.12 10.11 -7.24
CA GLU D 169 4.55 9.98 -5.86
C GLU D 169 5.34 11.21 -5.45
N GLN D 170 5.50 11.39 -4.15
CA GLN D 170 6.19 12.56 -3.63
C GLN D 170 7.60 12.68 -4.20
N ASP D 171 7.93 13.88 -4.69
CA ASP D 171 9.21 14.10 -5.34
C ASP D 171 10.35 13.96 -4.34
N SER D 172 11.41 13.26 -4.77
CA SER D 172 12.51 12.97 -3.86
C SER D 172 13.29 14.21 -3.47
N LYS D 173 13.24 15.27 -4.27
CA LYS D 173 14.05 16.45 -4.03
C LYS D 173 13.30 17.55 -3.28
N ASP D 174 12.05 17.86 -3.67
CA ASP D 174 11.33 18.96 -3.02
C ASP D 174 10.05 18.52 -2.32
N SER D 175 9.81 17.20 -2.27
CA SER D 175 8.67 16.61 -1.54
C SER D 175 7.30 17.10 -2.03
N THR D 176 7.20 17.54 -3.28
CA THR D 176 5.93 17.96 -3.83
C THR D 176 5.32 16.85 -4.68
N TYR D 177 4.07 17.09 -5.09
CA TYR D 177 3.37 16.24 -6.04
C TYR D 177 3.17 16.98 -7.36
N SER D 178 2.92 16.21 -8.42
CA SER D 178 2.43 16.78 -9.67
C SER D 178 1.28 15.88 -10.14
N LEU D 179 0.40 16.45 -10.95
CA LEU D 179 -0.83 15.81 -11.37
C LEU D 179 -1.10 16.15 -12.83
N SER D 180 -1.58 15.17 -13.58
CA SER D 180 -2.02 15.38 -14.95
C SER D 180 -3.50 15.02 -15.01
N SER D 181 -4.27 15.82 -15.74
CA SER D 181 -5.66 15.53 -16.05
C SER D 181 -5.79 15.58 -17.57
N THR D 182 -6.39 14.55 -18.16
CA THR D 182 -6.49 14.41 -19.60
C THR D 182 -7.96 14.38 -19.98
N LEU D 183 -8.36 15.34 -20.82
CA LEU D 183 -9.71 15.40 -21.37
C LEU D 183 -9.68 14.76 -22.76
N THR D 184 -10.56 13.81 -23.01
CA THR D 184 -10.59 13.06 -24.26
C THR D 184 -11.90 13.38 -24.98
N LEU D 185 -11.80 13.89 -26.20
CA LEU D 185 -12.93 14.17 -27.06
C LEU D 185 -12.70 13.56 -28.42
N SER D 186 -13.77 13.47 -29.22
CA SER D 186 -13.60 13.14 -30.62
C SER D 186 -12.99 14.33 -31.36
N LYS D 187 -12.38 14.05 -32.51
CA LYS D 187 -11.93 15.13 -33.40
C LYS D 187 -13.08 16.08 -33.70
N ALA D 188 -14.26 15.53 -34.01
CA ALA D 188 -15.37 16.38 -34.44
C ALA D 188 -15.80 17.29 -33.31
N ASP D 189 -15.85 16.78 -32.08
CA ASP D 189 -16.22 17.64 -30.95
C ASP D 189 -15.13 18.68 -30.69
N TYR D 190 -13.86 18.29 -30.79
CA TYR D 190 -12.76 19.23 -30.54
C TYR D 190 -12.81 20.41 -31.50
N GLU D 191 -13.12 20.14 -32.77
CA GLU D 191 -13.13 21.18 -33.78
C GLU D 191 -14.41 22.01 -33.78
N LYS D 192 -15.42 21.63 -33.01
CA LYS D 192 -16.63 22.42 -32.87
C LYS D 192 -16.53 23.52 -31.82
N HIS D 193 -15.50 23.50 -30.99
CA HIS D 193 -15.40 24.41 -29.86
C HIS D 193 -14.05 25.12 -29.87
N LYS D 194 -14.04 26.28 -29.19
CA LYS D 194 -12.95 27.23 -29.25
C LYS D 194 -12.05 27.24 -28.01
N VAL D 195 -12.63 27.29 -26.81
CA VAL D 195 -11.89 27.57 -25.59
C VAL D 195 -11.86 26.31 -24.73
N TYR D 196 -10.66 25.86 -24.40
CA TYR D 196 -10.45 24.70 -23.55
C TYR D 196 -9.76 25.16 -22.29
N ALA D 197 -10.35 24.81 -21.13
CA ALA D 197 -9.87 25.36 -19.87
C ALA D 197 -9.88 24.31 -18.80
N CYS D 198 -8.89 24.35 -17.91
CA CYS D 198 -8.91 23.52 -16.70
C CYS D 198 -8.88 24.47 -15.50
N GLU D 199 -9.88 24.32 -14.62
CA GLU D 199 -9.96 25.10 -13.39
C GLU D 199 -9.45 24.25 -12.24
N VAL D 200 -8.60 24.84 -11.39
CA VAL D 200 -7.84 24.11 -10.40
C VAL D 200 -8.16 24.68 -9.02
N THR D 201 -8.49 23.79 -8.08
CA THR D 201 -8.72 24.13 -6.68
C THR D 201 -7.71 23.40 -5.80
N HIS D 202 -7.24 24.06 -4.75
CA HIS D 202 -6.21 23.52 -3.88
C HIS D 202 -6.28 24.32 -2.59
N GLN D 203 -5.99 23.71 -1.45
CA GLN D 203 -6.15 24.43 -0.18
C GLN D 203 -5.23 25.63 -0.07
N GLY D 204 -4.12 25.64 -0.83
CA GLY D 204 -3.25 26.83 -0.85
C GLY D 204 -3.68 27.97 -1.74
N LEU D 205 -4.80 27.82 -2.44
CA LEU D 205 -5.36 28.85 -3.29
C LEU D 205 -6.61 29.49 -2.63
N SER D 206 -6.63 30.82 -2.59
CA SER D 206 -7.82 31.48 -2.04
C SER D 206 -9.02 31.36 -3.00
N SER D 207 -8.77 31.34 -4.30
CA SER D 207 -9.78 31.22 -5.34
C SER D 207 -9.29 30.18 -6.32
N PRO D 208 -10.19 29.48 -7.03
CA PRO D 208 -9.72 28.60 -8.12
C PRO D 208 -8.99 29.40 -9.18
N VAL D 209 -8.00 28.75 -9.81
CA VAL D 209 -7.27 29.32 -10.94
C VAL D 209 -7.64 28.55 -12.19
N THR D 210 -7.67 29.27 -13.31
CA THR D 210 -8.05 28.70 -14.60
C THR D 210 -6.93 28.95 -15.60
N LYS D 211 -6.55 27.92 -16.32
CA LYS D 211 -5.59 27.97 -17.41
C LYS D 211 -6.35 27.50 -18.64
N SER D 212 -6.19 28.23 -19.74
CA SER D 212 -6.96 27.88 -20.91
C SER D 212 -6.21 28.26 -22.17
N PHE D 213 -6.63 27.67 -23.31
CA PHE D 213 -6.16 28.09 -24.62
C PHE D 213 -7.35 28.19 -25.56
N ASN D 214 -7.10 28.87 -26.69
CA ASN D 214 -8.06 29.08 -27.75
C ASN D 214 -7.57 28.35 -29.00
N ARG D 215 -8.38 27.41 -29.49
CA ARG D 215 -7.97 26.44 -30.49
C ARG D 215 -7.39 27.09 -31.75
N GLY D 216 -6.09 26.90 -31.97
CA GLY D 216 -5.42 27.46 -33.13
C GLY D 216 -4.75 28.78 -32.83
N GLU D 217 -3.77 28.78 -31.91
CA GLU D 217 -3.05 29.96 -31.45
C GLU D 217 -3.96 30.89 -30.64
N CYS D 218 -5.02 31.40 -31.26
CA CYS D 218 -6.01 32.20 -30.54
C CYS D 218 -7.26 32.40 -31.40
C1 NAG E . 7.61 -23.06 24.97
C2 NAG E . 8.54 -21.89 25.19
C3 NAG E . 9.51 -22.22 26.31
C4 NAG E . 8.73 -22.53 27.58
C5 NAG E . 7.72 -23.65 27.31
C6 NAG E . 6.79 -23.87 28.47
C7 NAG E . 9.05 -20.38 23.37
C8 NAG E . 8.03 -19.49 24.01
N2 NAG E . 9.25 -21.54 23.98
O3 NAG E . 10.38 -21.11 26.52
O4 NAG E . 9.61 -22.92 28.63
O5 NAG E . 6.89 -23.32 26.19
O6 NAG E . 6.27 -22.63 28.92
O7 NAG E . 9.65 -20.06 22.33
C1 FUC E . 4.83 -22.73 29.10
C2 FUC E . 4.47 -21.48 29.92
C3 FUC E . 4.57 -20.20 29.10
C4 FUC E . 3.72 -20.34 27.82
C5 FUC E . 4.21 -21.55 27.03
C6 FUC E . 3.38 -21.85 25.77
O2 FUC E . 5.29 -21.39 31.08
O3 FUC E . 4.06 -19.09 29.83
O4 FUC E . 2.36 -20.51 28.16
O5 FUC E . 4.15 -22.74 27.83
CA CA F . 3.04 -19.88 8.19
CL CL G . -4.25 17.22 13.57
C1 MPD H . -20.87 20.18 -22.83
C2 MPD H . -20.24 19.87 -24.16
O2 MPD H . -19.12 20.73 -24.36
CM MPD H . -21.23 20.09 -25.31
C3 MPD H . -19.70 18.43 -24.22
C4 MPD H . -19.06 18.29 -25.59
O4 MPD H . -17.64 18.34 -25.44
C5 MPD H . -19.52 17.01 -26.31
#